data_7SPZ
#
_entry.id   7SPZ
#
_cell.length_a   54.138
_cell.length_b   102.605
_cell.length_c   138.801
_cell.angle_alpha   90.00
_cell.angle_beta   90.00
_cell.angle_gamma   90.00
#
_symmetry.space_group_name_H-M   'P 21 21 2'
#
loop_
_entity.id
_entity.type
_entity.pdbx_description
1 polymer 'ATPase ASNA1 homolog'
2 non-polymer 'ZINC ION'
#
_entity_poly.entity_id   1
_entity_poly.type   'polypeptide(L)'
_entity_poly.pdbx_seq_one_letter_code
;ATYMLPSLHDILDQHTYKWIFFGGKGGVGKTTTSSSFSVLMAETRPNEKFLLLSTDPAHNISDAFDQKFGKAPTQVSGIP
NLYAMEVDASNEMKSAVEAVQKETGSAADNDAESKSEGDMFGGLNDLITCASSFIKDGTFPGMDEMWSFINLIKLIDTNE
YSTVIFDTAPTGHTLRFLELPETVNKVLEIFTRLKDNMGGMLSMVMQTMGLSQNDIFGLIDKTYPKIDVVKRISAEFRDP
SLCTFVGVCIPEFLSLYETERLVQRLAVLDMDCHAIVINFVLDANAATPCSMCRSRARMQNKYIDQINELYDDFNIVLSP
LRHDEVRGIANLRDYAETLIKPYRFCWSAN
;
_entity_poly.pdbx_strand_id   A,B
#
# COMPACT_ATOMS: atom_id res chain seq x y z
N ALA A 1 -1.67 -21.98 -25.98
CA ALA A 1 -1.29 -22.44 -24.61
C ALA A 1 -1.46 -21.30 -23.60
N THR A 2 -1.04 -21.51 -22.35
CA THR A 2 -1.11 -20.55 -21.22
C THR A 2 -2.57 -20.14 -20.96
N TYR A 3 -3.50 -21.10 -21.05
CA TYR A 3 -4.95 -20.93 -20.78
C TYR A 3 -5.15 -20.27 -19.42
N MET A 4 -4.49 -20.82 -18.39
CA MET A 4 -4.54 -20.34 -16.98
C MET A 4 -3.50 -19.23 -16.79
N LEU A 5 -3.85 -18.20 -16.02
CA LEU A 5 -2.96 -17.05 -15.72
C LEU A 5 -1.91 -17.48 -14.71
N PRO A 6 -0.63 -17.04 -14.84
CA PRO A 6 0.42 -17.40 -13.89
C PRO A 6 0.39 -16.52 -12.63
N SER A 7 -0.72 -16.59 -11.88
CA SER A 7 -1.03 -15.69 -10.73
C SER A 7 -1.85 -16.45 -9.68
N LEU A 8 -1.88 -15.96 -8.44
CA LEU A 8 -2.73 -16.47 -7.33
C LEU A 8 -3.87 -15.47 -7.07
N HIS A 9 -4.38 -14.81 -8.12
CA HIS A 9 -5.41 -13.76 -8.02
C HIS A 9 -6.79 -14.39 -7.79
N ASP A 10 -7.09 -15.48 -8.51
CA ASP A 10 -8.34 -16.28 -8.37
C ASP A 10 -8.56 -16.63 -6.89
N ILE A 11 -7.50 -17.05 -6.20
CA ILE A 11 -7.55 -17.54 -4.77
C ILE A 11 -7.70 -16.32 -3.84
N LEU A 12 -7.05 -15.20 -4.18
CA LEU A 12 -7.09 -13.95 -3.38
C LEU A 12 -8.46 -13.27 -3.53
N ASP A 13 -9.02 -13.31 -4.74
CA ASP A 13 -10.36 -12.73 -5.08
C ASP A 13 -11.47 -13.53 -4.39
N GLN A 14 -11.45 -14.86 -4.53
CA GLN A 14 -12.48 -15.78 -3.95
C GLN A 14 -12.39 -15.75 -2.43
N HIS A 15 -13.28 -14.97 -1.80
CA HIS A 15 -13.34 -14.74 -0.32
C HIS A 15 -14.15 -15.84 0.36
N THR A 16 -14.73 -16.77 -0.41
CA THR A 16 -15.57 -17.89 0.08
C THR A 16 -14.69 -18.92 0.79
N TYR A 17 -13.39 -18.96 0.49
CA TYR A 17 -12.39 -19.85 1.13
C TYR A 17 -12.37 -19.62 2.65
N LYS A 18 -12.11 -20.69 3.41
CA LYS A 18 -11.89 -20.67 4.88
C LYS A 18 -10.55 -21.32 5.23
N TRP A 19 -10.12 -22.31 4.43
CA TRP A 19 -8.88 -23.10 4.63
C TRP A 19 -8.02 -23.07 3.36
N ILE A 20 -6.80 -22.54 3.45
CA ILE A 20 -5.80 -22.51 2.33
C ILE A 20 -4.53 -23.22 2.82
N PHE A 21 -4.24 -24.40 2.26
CA PHE A 21 -3.04 -25.22 2.59
C PHE A 21 -1.89 -24.86 1.64
N PHE A 22 -0.65 -24.99 2.13
CA PHE A 22 0.60 -24.77 1.38
C PHE A 22 1.57 -25.92 1.65
N GLY A 23 1.67 -26.86 0.70
CA GLY A 23 2.51 -28.07 0.79
C GLY A 23 3.67 -28.01 -0.20
N GLY A 24 4.82 -28.55 0.20
CA GLY A 24 6.07 -28.55 -0.59
C GLY A 24 7.21 -29.23 0.15
N LYS A 25 7.63 -30.41 -0.34
CA LYS A 25 8.75 -31.20 0.23
C LYS A 25 10.07 -30.43 0.04
N GLY A 26 10.87 -30.35 1.11
CA GLY A 26 12.25 -29.83 1.10
C GLY A 26 12.30 -28.32 1.21
N GLY A 27 13.46 -27.74 0.90
CA GLY A 27 13.71 -26.29 0.89
C GLY A 27 13.35 -25.67 -0.44
N VAL A 28 12.09 -25.24 -0.58
CA VAL A 28 11.53 -24.67 -1.84
C VAL A 28 10.95 -23.27 -1.54
N GLY A 29 11.42 -22.63 -0.48
CA GLY A 29 10.93 -21.32 0.01
C GLY A 29 9.44 -21.35 0.31
N LYS A 30 8.95 -22.45 0.87
CA LYS A 30 7.51 -22.69 1.15
C LYS A 30 7.01 -21.69 2.22
N THR A 31 7.78 -21.53 3.29
CA THR A 31 7.45 -20.66 4.46
C THR A 31 7.44 -19.18 4.04
N THR A 32 8.28 -18.80 3.08
CA THR A 32 8.27 -17.45 2.44
C THR A 32 6.93 -17.25 1.72
N THR A 33 6.51 -18.24 0.92
CA THR A 33 5.24 -18.21 0.13
C THR A 33 4.04 -18.22 1.09
N SER A 34 4.09 -19.06 2.13
CA SER A 34 3.03 -19.19 3.17
C SER A 34 2.86 -17.86 3.92
N SER A 35 3.97 -17.29 4.40
CA SER A 35 4.02 -16.01 5.16
C SER A 35 3.53 -14.86 4.29
N SER A 36 4.21 -14.60 3.18
CA SER A 36 3.99 -13.44 2.26
C SER A 36 2.52 -13.39 1.79
N PHE A 37 1.92 -14.54 1.51
CA PHE A 37 0.52 -14.67 1.03
C PHE A 37 -0.44 -14.22 2.14
N SER A 38 -0.21 -14.67 3.38
CA SER A 38 -1.00 -14.29 4.58
C SER A 38 -0.98 -12.76 4.76
N VAL A 39 0.20 -12.15 4.64
CA VAL A 39 0.40 -10.67 4.73
C VAL A 39 -0.45 -9.99 3.65
N LEU A 40 -0.25 -10.39 2.39
CA LEU A 40 -0.97 -9.84 1.20
C LEU A 40 -2.49 -9.99 1.40
N MET A 41 -2.93 -11.16 1.86
CA MET A 41 -4.37 -11.50 2.05
C MET A 41 -4.95 -10.65 3.20
N ALA A 42 -4.12 -10.28 4.18
CA ALA A 42 -4.52 -9.54 5.40
C ALA A 42 -4.71 -8.05 5.07
N GLU A 43 -3.76 -7.43 4.37
CA GLU A 43 -3.72 -5.97 4.11
C GLU A 43 -4.71 -5.60 2.97
N THR A 44 -5.12 -6.57 2.16
CA THR A 44 -6.13 -6.39 1.07
C THR A 44 -7.55 -6.41 1.65
N ARG A 45 -7.74 -7.09 2.80
CA ARG A 45 -9.03 -7.17 3.53
C ARG A 45 -8.81 -6.73 4.97
N PRO A 46 -8.69 -5.42 5.25
CA PRO A 46 -8.34 -4.93 6.59
C PRO A 46 -9.45 -5.08 7.64
N ASN A 47 -10.69 -5.37 7.20
CA ASN A 47 -11.88 -5.51 8.08
C ASN A 47 -11.89 -6.91 8.72
N GLU A 48 -11.57 -7.95 7.95
CA GLU A 48 -11.73 -9.38 8.33
C GLU A 48 -10.43 -9.88 8.97
N LYS A 49 -10.54 -10.88 9.86
CA LYS A 49 -9.41 -11.47 10.63
C LYS A 49 -8.92 -12.76 9.95
N PHE A 50 -7.62 -13.04 10.04
CA PHE A 50 -6.93 -14.17 9.35
C PHE A 50 -5.94 -14.84 10.32
N LEU A 51 -5.71 -16.15 10.12
CA LEU A 51 -4.81 -16.99 10.94
C LEU A 51 -3.74 -17.62 10.04
N LEU A 52 -2.48 -17.61 10.50
CA LEU A 52 -1.32 -18.30 9.86
C LEU A 52 -0.87 -19.44 10.78
N LEU A 53 -0.94 -20.68 10.28
CA LEU A 53 -0.81 -21.92 11.10
C LEU A 53 0.30 -22.81 10.52
N SER A 54 1.42 -22.94 11.25
CA SER A 54 2.62 -23.73 10.85
C SER A 54 2.71 -25.01 11.67
N THR A 55 2.88 -26.16 11.00
CA THR A 55 3.12 -27.50 11.63
C THR A 55 4.60 -27.86 11.46
N ASP A 56 5.44 -26.91 11.01
CA ASP A 56 6.91 -27.08 10.87
C ASP A 56 7.54 -27.03 12.25
N PRO A 57 8.28 -28.07 12.69
CA PRO A 57 8.90 -28.08 14.03
C PRO A 57 10.06 -27.08 14.18
N ALA A 58 10.64 -26.62 13.06
CA ALA A 58 11.81 -25.72 13.00
C ALA A 58 11.41 -24.27 13.29
N HIS A 59 10.10 -23.98 13.32
CA HIS A 59 9.53 -22.62 13.60
C HIS A 59 10.09 -21.62 12.58
N ASN A 60 10.00 -21.96 11.28
CA ASN A 60 10.59 -21.16 10.17
C ASN A 60 9.74 -19.91 9.90
N ILE A 61 8.48 -19.89 10.35
CA ILE A 61 7.57 -18.71 10.19
C ILE A 61 8.05 -17.57 11.09
N SER A 62 8.51 -17.88 12.32
CA SER A 62 8.97 -16.89 13.32
C SER A 62 10.23 -16.17 12.81
N ASP A 63 11.05 -16.85 12.02
CA ASP A 63 12.29 -16.31 11.40
C ASP A 63 11.94 -15.49 10.17
N ALA A 64 10.87 -15.86 9.45
CA ALA A 64 10.37 -15.17 8.24
C ALA A 64 9.86 -13.78 8.61
N PHE A 65 9.02 -13.69 9.65
CA PHE A 65 8.40 -12.43 10.15
C PHE A 65 9.39 -11.67 11.05
N ASP A 66 10.36 -12.38 11.64
CA ASP A 66 11.33 -11.83 12.63
C ASP A 66 10.57 -11.49 13.91
N GLN A 67 9.81 -12.46 14.42
CA GLN A 67 8.93 -12.31 15.61
C GLN A 67 8.52 -13.71 16.10
N LYS A 68 8.82 -14.02 17.36
CA LYS A 68 8.55 -15.34 17.99
C LYS A 68 7.04 -15.56 18.10
N PHE A 69 6.60 -16.83 17.96
CA PHE A 69 5.19 -17.26 18.13
C PHE A 69 5.16 -18.52 19.01
N GLY A 70 4.05 -18.72 19.73
CA GLY A 70 3.82 -19.89 20.61
C GLY A 70 2.61 -20.69 20.16
N LYS A 71 2.07 -21.54 21.03
CA LYS A 71 0.86 -22.36 20.77
C LYS A 71 -0.38 -21.47 20.72
N ALA A 72 -0.33 -20.30 21.40
CA ALA A 72 -1.38 -19.26 21.40
C ALA A 72 -1.19 -18.35 20.18
N PRO A 73 -2.28 -17.97 19.46
CA PRO A 73 -2.16 -17.08 18.31
C PRO A 73 -1.80 -15.65 18.71
N THR A 74 -0.73 -15.10 18.12
CA THR A 74 -0.15 -13.78 18.45
C THR A 74 -0.25 -12.85 17.23
N GLN A 75 -0.74 -11.63 17.44
CA GLN A 75 -0.87 -10.56 16.40
C GLN A 75 0.52 -10.25 15.83
N VAL A 76 0.63 -10.15 14.50
CA VAL A 76 1.90 -9.83 13.78
C VAL A 76 2.14 -8.32 13.88
N SER A 77 3.32 -7.92 14.39
CA SER A 77 3.72 -6.51 14.63
C SER A 77 3.76 -5.74 13.30
N GLY A 78 2.83 -4.79 13.12
CA GLY A 78 2.72 -3.95 11.92
C GLY A 78 1.61 -4.41 10.99
N ILE A 79 1.02 -5.58 11.25
CA ILE A 79 -0.11 -6.18 10.46
C ILE A 79 -1.17 -6.68 11.44
N PRO A 80 -2.08 -5.81 11.92
CA PRO A 80 -3.27 -6.25 12.66
C PRO A 80 -4.18 -7.12 11.77
N ASN A 81 -5.03 -7.94 12.39
CA ASN A 81 -6.00 -8.85 11.73
C ASN A 81 -5.29 -10.12 11.24
N LEU A 82 -3.98 -10.25 11.48
CA LEU A 82 -3.16 -11.43 11.12
C LEU A 82 -2.49 -11.98 12.39
N TYR A 83 -2.89 -13.18 12.80
CA TYR A 83 -2.37 -13.89 14.00
C TYR A 83 -1.62 -15.15 13.55
N ALA A 84 -0.51 -15.46 14.22
CA ALA A 84 0.39 -16.60 13.89
C ALA A 84 0.68 -17.41 15.15
N MET A 85 0.71 -18.74 15.02
CA MET A 85 0.98 -19.70 16.14
C MET A 85 1.82 -20.87 15.64
N GLU A 86 2.26 -21.73 16.56
CA GLU A 86 3.07 -22.95 16.30
C GLU A 86 2.36 -24.16 16.89
N VAL A 87 1.96 -25.12 16.04
CA VAL A 87 1.26 -26.38 16.44
C VAL A 87 2.32 -27.44 16.78
N ASP A 88 1.99 -28.36 17.69
CA ASP A 88 2.86 -29.47 18.15
C ASP A 88 4.15 -28.90 18.76
N ASP A 109 -5.70 -23.35 34.20
CA ASP A 109 -6.32 -22.68 33.03
C ASP A 109 -6.73 -23.75 32.00
N ASN A 110 -6.14 -23.75 30.80
CA ASN A 110 -6.45 -24.71 29.70
C ASN A 110 -5.84 -26.08 30.02
N ASP A 111 -4.83 -26.13 30.90
CA ASP A 111 -4.16 -27.37 31.36
C ASP A 111 -5.11 -28.17 32.28
N ALA A 112 -6.05 -27.48 32.95
CA ALA A 112 -7.07 -28.09 33.83
C ALA A 112 -8.15 -28.78 32.98
N GLU A 113 -8.52 -28.17 31.85
CA GLU A 113 -9.44 -28.75 30.83
C GLU A 113 -8.77 -29.97 30.18
N SER A 114 -7.48 -29.86 29.87
CA SER A 114 -6.65 -30.89 29.17
C SER A 114 -6.61 -32.19 29.98
N LYS A 115 -6.53 -32.09 31.32
CA LYS A 115 -6.45 -33.25 32.24
C LYS A 115 -7.77 -34.02 32.25
N SER A 116 -8.88 -33.31 32.47
CA SER A 116 -10.25 -33.87 32.57
C SER A 116 -10.69 -34.44 31.21
N GLU A 117 -10.49 -33.67 30.13
CA GLU A 117 -10.88 -34.04 28.74
C GLU A 117 -9.93 -35.12 28.21
N GLY A 118 -8.64 -35.03 28.56
CA GLY A 118 -7.59 -36.00 28.16
C GLY A 118 -7.85 -37.39 28.74
N ASP A 119 -8.50 -37.45 29.91
CA ASP A 119 -8.88 -38.72 30.59
C ASP A 119 -9.83 -39.52 29.69
N MET A 120 -10.84 -38.85 29.11
CA MET A 120 -11.88 -39.45 28.23
C MET A 120 -11.22 -39.96 26.94
N PHE A 121 -10.40 -39.12 26.29
CA PHE A 121 -9.66 -39.45 25.04
C PHE A 121 -8.58 -40.49 25.33
N GLY A 122 -8.15 -40.59 26.59
CA GLY A 122 -7.38 -41.74 27.10
C GLY A 122 -8.24 -42.99 27.11
N GLY A 123 -9.43 -42.91 27.73
CA GLY A 123 -10.41 -43.99 27.81
C GLY A 123 -10.92 -44.43 26.44
N LEU A 124 -11.16 -43.47 25.55
CA LEU A 124 -11.58 -43.74 24.14
C LEU A 124 -10.46 -44.49 23.42
N ASN A 125 -9.25 -43.94 23.42
CA ASN A 125 -8.02 -44.53 22.82
C ASN A 125 -7.87 -45.99 23.32
N ASP A 126 -8.14 -46.23 24.60
CA ASP A 126 -8.13 -47.59 25.23
C ASP A 126 -9.26 -48.44 24.63
N LEU A 127 -10.45 -47.86 24.47
CA LEU A 127 -11.67 -48.58 24.01
C LEU A 127 -11.56 -48.97 22.53
N ILE A 128 -10.97 -48.11 21.69
CA ILE A 128 -10.84 -48.34 20.22
C ILE A 128 -9.75 -49.38 19.97
N THR A 129 -8.60 -49.29 20.67
CA THR A 129 -7.50 -50.28 20.61
C THR A 129 -8.05 -51.67 20.96
N CYS A 130 -8.77 -51.77 22.08
CA CYS A 130 -9.42 -53.02 22.59
C CYS A 130 -10.41 -53.54 21.55
N ALA A 131 -11.29 -52.67 21.04
CA ALA A 131 -12.35 -52.99 20.07
C ALA A 131 -11.74 -53.39 18.71
N SER A 132 -10.65 -52.72 18.32
CA SER A 132 -9.91 -52.97 17.05
C SER A 132 -9.31 -54.38 17.06
N SER A 133 -8.72 -54.80 18.18
CA SER A 133 -8.02 -56.10 18.36
C SER A 133 -8.96 -57.28 18.07
N PHE A 134 -10.27 -57.10 18.24
CA PHE A 134 -11.30 -58.15 18.04
C PHE A 134 -11.74 -58.23 16.57
N ILE A 135 -11.34 -57.26 15.74
CA ILE A 135 -11.74 -57.16 14.30
C ILE A 135 -10.53 -56.78 13.44
N LYS A 136 -9.99 -55.57 13.64
CA LYS A 136 -8.88 -54.99 12.84
C LYS A 136 -7.68 -55.95 12.89
N ASP A 137 -7.23 -56.40 11.70
CA ASP A 137 -6.15 -57.41 11.52
C ASP A 137 -4.80 -56.74 11.83
N GLY A 138 -4.43 -56.68 13.12
CA GLY A 138 -3.16 -56.11 13.61
C GLY A 138 -2.94 -54.68 13.12
N THR A 139 -3.99 -53.86 13.15
CA THR A 139 -4.03 -52.49 12.59
C THR A 139 -4.72 -51.55 13.58
N PHE A 140 -4.14 -50.36 13.80
CA PHE A 140 -4.73 -49.27 14.62
C PHE A 140 -3.93 -47.98 14.44
N PRO A 141 -4.49 -46.95 13.74
CA PRO A 141 -3.98 -45.60 13.84
C PRO A 141 -4.36 -44.96 15.19
N GLY A 142 -3.45 -44.17 15.76
CA GLY A 142 -3.62 -43.51 17.08
C GLY A 142 -4.74 -42.48 17.06
N MET A 143 -5.34 -42.21 18.22
CA MET A 143 -6.38 -41.17 18.43
C MET A 143 -5.72 -39.81 18.69
N ASP A 144 -4.39 -39.78 18.80
CA ASP A 144 -3.58 -38.55 19.06
C ASP A 144 -3.62 -37.64 17.82
N GLU A 145 -3.51 -38.22 16.62
CA GLU A 145 -3.57 -37.50 15.31
C GLU A 145 -4.92 -36.77 15.20
N MET A 146 -5.99 -37.41 15.68
CA MET A 146 -7.37 -36.85 15.71
C MET A 146 -7.51 -35.86 16.88
N TRP A 147 -7.08 -36.28 18.08
CA TRP A 147 -7.13 -35.48 19.34
C TRP A 147 -6.36 -34.17 19.15
N SER A 148 -5.23 -34.19 18.45
CA SER A 148 -4.40 -33.01 18.09
C SER A 148 -5.23 -32.01 17.29
N PHE A 149 -6.01 -32.50 16.32
CA PHE A 149 -6.89 -31.70 15.44
C PHE A 149 -8.09 -31.18 16.25
N ILE A 150 -8.61 -31.98 17.18
CA ILE A 150 -9.78 -31.63 18.05
C ILE A 150 -9.38 -30.46 18.96
N ASN A 151 -8.13 -30.42 19.41
CA ASN A 151 -7.56 -29.29 20.20
C ASN A 151 -7.47 -28.05 19.32
N LEU A 152 -7.06 -28.23 18.06
CA LEU A 152 -6.83 -27.14 17.07
C LEU A 152 -8.14 -26.39 16.78
N ILE A 153 -9.26 -27.12 16.69
CA ILE A 153 -10.60 -26.56 16.36
C ILE A 153 -11.05 -25.60 17.48
N LYS A 154 -10.71 -25.90 18.73
CA LYS A 154 -11.12 -25.11 19.94
C LYS A 154 -10.61 -23.67 19.81
N LEU A 155 -9.42 -23.48 19.22
CA LEU A 155 -8.78 -22.15 19.02
C LEU A 155 -9.01 -21.66 17.59
N ILE A 156 -10.22 -21.84 17.06
CA ILE A 156 -10.66 -21.37 15.71
C ILE A 156 -12.11 -20.86 15.82
N ASN A 159 -11.38 -16.69 18.59
CA ASN A 159 -11.81 -15.64 17.61
C ASN A 159 -12.60 -16.32 16.47
N GLU A 160 -13.05 -15.52 15.50
CA GLU A 160 -13.69 -16.00 14.24
C GLU A 160 -12.87 -15.48 13.06
N TYR A 161 -11.92 -16.29 12.58
CA TYR A 161 -11.02 -15.98 11.44
C TYR A 161 -11.77 -16.24 10.14
N SER A 162 -11.75 -15.27 9.22
CA SER A 162 -12.39 -15.34 7.89
C SER A 162 -11.80 -16.53 7.11
N THR A 163 -10.46 -16.60 7.03
CA THR A 163 -9.70 -17.72 6.41
C THR A 163 -8.50 -18.08 7.30
N VAL A 164 -8.20 -19.38 7.41
CA VAL A 164 -6.97 -19.92 8.08
C VAL A 164 -6.02 -20.43 6.98
N ILE A 165 -4.78 -19.94 6.98
CA ILE A 165 -3.71 -20.33 6.00
C ILE A 165 -2.82 -21.38 6.68
N PHE A 166 -2.81 -22.61 6.15
CA PHE A 166 -2.03 -23.77 6.66
C PHE A 166 -0.67 -23.82 5.96
N ASP A 167 0.41 -23.89 6.75
CA ASP A 167 1.80 -24.17 6.30
C ASP A 167 2.20 -25.56 6.81
N THR A 168 2.08 -26.58 5.96
CA THR A 168 2.35 -28.00 6.28
C THR A 168 3.85 -28.19 6.57
N ALA A 169 4.22 -29.32 7.19
CA ALA A 169 5.61 -29.71 7.51
C ALA A 169 6.38 -29.91 6.21
N PRO A 170 7.70 -29.61 6.18
CA PRO A 170 8.51 -29.80 4.98
C PRO A 170 8.99 -31.25 4.76
N THR A 171 8.90 -32.10 5.78
CA THR A 171 9.36 -33.52 5.76
C THR A 171 8.44 -34.39 6.62
N GLY A 172 8.58 -35.72 6.51
CA GLY A 172 7.77 -36.71 7.24
C GLY A 172 6.41 -36.91 6.60
N HIS A 173 5.35 -37.02 7.41
CA HIS A 173 3.93 -37.09 6.98
C HIS A 173 3.31 -35.70 7.06
N THR A 174 3.00 -35.10 5.90
CA THR A 174 2.57 -33.69 5.73
C THR A 174 1.07 -33.63 5.40
N LEU A 175 0.37 -34.76 5.45
CA LEU A 175 -1.10 -34.89 5.20
C LEU A 175 -1.78 -35.44 6.46
N ARG A 176 -1.28 -35.04 7.64
CA ARG A 176 -1.65 -35.65 8.95
C ARG A 176 -3.14 -35.38 9.27
N PHE A 177 -3.63 -34.18 8.94
CA PHE A 177 -5.02 -33.73 9.21
C PHE A 177 -5.97 -34.13 8.06
N LEU A 178 -5.41 -34.50 6.91
CA LEU A 178 -6.17 -34.70 5.64
C LEU A 178 -6.51 -36.18 5.41
N GLU A 179 -6.23 -37.05 6.38
CA GLU A 179 -6.59 -38.50 6.33
C GLU A 179 -7.43 -38.88 7.55
N LEU A 180 -8.02 -37.89 8.24
CA LEU A 180 -8.90 -38.09 9.42
C LEU A 180 -10.21 -38.77 9.00
N PRO A 181 -10.89 -38.37 7.90
CA PRO A 181 -12.12 -39.04 7.48
C PRO A 181 -12.00 -40.55 7.28
N GLU A 182 -10.79 -41.06 7.00
CA GLU A 182 -10.51 -42.52 6.90
C GLU A 182 -10.58 -43.14 8.29
N THR A 183 -10.04 -42.45 9.31
CA THR A 183 -9.93 -42.94 10.71
C THR A 183 -11.29 -42.86 11.42
N VAL A 184 -12.01 -41.74 11.28
CA VAL A 184 -13.33 -41.53 11.96
C VAL A 184 -14.29 -42.65 11.51
N ASN A 185 -14.30 -42.98 10.20
CA ASN A 185 -15.17 -44.01 9.60
C ASN A 185 -15.04 -45.33 10.36
N LYS A 186 -13.82 -45.68 10.78
CA LYS A 186 -13.51 -46.91 11.54
C LYS A 186 -13.91 -46.72 13.01
N VAL A 187 -13.71 -45.54 13.57
CA VAL A 187 -14.12 -45.19 14.97
C VAL A 187 -15.65 -45.28 15.06
N LEU A 188 -16.37 -44.79 14.03
CA LEU A 188 -17.85 -44.83 13.95
C LEU A 188 -18.32 -46.26 13.65
N GLU A 189 -17.50 -47.04 12.92
CA GLU A 189 -17.76 -48.48 12.64
C GLU A 189 -17.79 -49.24 13.97
N ILE A 190 -16.78 -49.01 14.83
CA ILE A 190 -16.68 -49.61 16.19
C ILE A 190 -17.92 -49.24 17.01
N PHE A 191 -18.30 -47.97 17.00
CA PHE A 191 -19.44 -47.39 17.74
C PHE A 191 -20.73 -48.17 17.42
N THR A 192 -21.04 -48.34 16.12
CA THR A 192 -22.24 -49.09 15.63
C THR A 192 -22.18 -50.53 16.12
N ARG A 193 -21.05 -51.21 15.91
CA ARG A 193 -20.83 -52.64 16.26
C ARG A 193 -21.04 -52.86 17.77
N LEU A 194 -20.58 -51.92 18.60
CA LEU A 194 -20.73 -51.96 20.09
C LEU A 194 -22.22 -51.87 20.45
N LYS A 195 -22.89 -50.78 20.03
CA LYS A 195 -24.28 -50.45 20.44
C LYS A 195 -25.27 -51.48 19.87
N ASP A 196 -24.95 -52.13 18.75
CA ASP A 196 -25.75 -53.20 18.12
C ASP A 196 -25.35 -54.57 18.70
N ASN A 197 -24.16 -54.65 19.32
CA ASN A 197 -23.58 -55.90 19.87
C ASN A 197 -23.42 -56.89 18.71
N MET A 198 -22.75 -56.46 17.64
CA MET A 198 -22.48 -57.26 16.41
C MET A 198 -21.18 -58.04 16.60
N GLY A 199 -21.21 -59.34 16.32
CA GLY A 199 -20.06 -60.26 16.45
C GLY A 199 -19.66 -60.48 17.91
N GLY A 200 -20.55 -60.13 18.85
CA GLY A 200 -20.31 -60.20 20.30
C GLY A 200 -19.09 -59.39 20.73
N MET A 201 -18.97 -58.15 20.23
CA MET A 201 -17.82 -57.25 20.52
C MET A 201 -18.05 -56.55 21.86
N LEU A 202 -19.29 -56.09 22.10
CA LEU A 202 -19.69 -55.37 23.34
C LEU A 202 -19.32 -56.21 24.57
N SER A 203 -19.68 -57.49 24.57
CA SER A 203 -19.42 -58.46 25.67
C SER A 203 -17.91 -58.65 25.86
N MET A 204 -17.16 -58.81 24.77
CA MET A 204 -15.69 -59.05 24.77
C MET A 204 -14.96 -57.83 25.35
N VAL A 205 -15.41 -56.61 25.02
CA VAL A 205 -14.84 -55.33 25.53
C VAL A 205 -15.16 -55.20 27.03
N MET A 206 -16.42 -55.48 27.41
CA MET A 206 -16.92 -55.38 28.81
C MET A 206 -16.13 -56.32 29.73
N GLN A 207 -15.66 -57.46 29.20
CA GLN A 207 -14.90 -58.50 29.96
C GLN A 207 -13.43 -58.07 30.09
N THR A 208 -12.78 -57.75 28.96
CA THR A 208 -11.32 -57.46 28.87
C THR A 208 -10.99 -56.19 29.69
N MET A 209 -11.67 -55.08 29.41
CA MET A 209 -11.42 -53.76 30.06
C MET A 209 -12.18 -53.65 31.38
N GLY A 210 -13.08 -54.59 31.67
CA GLY A 210 -13.84 -54.67 32.93
C GLY A 210 -14.75 -53.48 33.14
N LEU A 211 -15.32 -52.95 32.04
CA LEU A 211 -16.21 -51.75 32.04
C LEU A 211 -17.67 -52.19 31.95
N SER A 212 -18.58 -51.36 32.46
CA SER A 212 -20.05 -51.54 32.40
C SER A 212 -20.57 -51.05 31.03
N GLN A 213 -21.75 -51.54 30.61
CA GLN A 213 -22.42 -51.13 29.36
C GLN A 213 -22.76 -49.64 29.42
N ASN A 214 -23.04 -49.13 30.62
CA ASN A 214 -23.36 -47.70 30.88
C ASN A 214 -22.11 -46.84 30.69
N ASP A 215 -20.94 -47.37 31.06
CA ASP A 215 -19.62 -46.68 30.93
C ASP A 215 -19.24 -46.59 29.44
N ILE A 216 -19.47 -47.66 28.68
CA ILE A 216 -19.14 -47.75 27.23
C ILE A 216 -20.06 -46.82 26.44
N PHE A 217 -21.38 -46.97 26.61
CA PHE A 217 -22.41 -46.10 25.99
C PHE A 217 -22.27 -44.68 26.54
N GLY A 218 -21.82 -44.54 27.78
CA GLY A 218 -21.52 -43.25 28.42
C GLY A 218 -20.36 -42.54 27.75
N LEU A 219 -19.31 -43.29 27.42
CA LEU A 219 -18.06 -42.76 26.81
C LEU A 219 -18.33 -42.36 25.35
N ILE A 220 -19.07 -43.18 24.61
CA ILE A 220 -19.49 -42.92 23.20
C ILE A 220 -20.25 -41.59 23.14
N ASP A 221 -21.17 -41.38 24.08
CA ASP A 221 -22.09 -40.21 24.17
C ASP A 221 -21.28 -38.91 24.31
N LYS A 222 -20.24 -38.90 25.14
CA LYS A 222 -19.47 -37.68 25.52
C LYS A 222 -18.47 -37.31 24.41
N THR A 223 -17.92 -38.29 23.70
CA THR A 223 -16.84 -38.11 22.69
C THR A 223 -17.43 -37.84 21.30
N TYR A 224 -18.54 -38.51 20.93
CA TYR A 224 -19.10 -38.52 19.55
C TYR A 224 -19.26 -37.10 19.00
N PRO A 225 -19.84 -36.14 19.76
CA PRO A 225 -20.00 -34.77 19.25
C PRO A 225 -18.71 -34.18 18.69
N LYS A 226 -17.58 -34.43 19.35
CA LYS A 226 -16.24 -33.92 18.96
C LYS A 226 -15.70 -34.71 17.76
N ILE A 227 -16.10 -35.99 17.61
CA ILE A 227 -15.80 -36.82 16.41
C ILE A 227 -16.61 -36.30 15.22
N ASP A 228 -17.79 -35.70 15.47
CA ASP A 228 -18.73 -35.21 14.42
C ASP A 228 -18.21 -33.90 13.82
N VAL A 229 -17.73 -32.97 14.66
CA VAL A 229 -17.20 -31.65 14.21
C VAL A 229 -15.95 -31.87 13.35
N VAL A 230 -15.13 -32.87 13.69
CA VAL A 230 -13.93 -33.28 12.91
C VAL A 230 -14.37 -33.77 11.53
N LYS A 231 -15.36 -34.68 11.50
CA LYS A 231 -15.93 -35.27 10.25
C LYS A 231 -16.43 -34.14 9.35
N ARG A 232 -17.15 -33.16 9.91
CA ARG A 232 -17.81 -32.05 9.18
C ARG A 232 -16.76 -31.04 8.70
N ILE A 233 -15.79 -30.71 9.55
CA ILE A 233 -14.69 -29.74 9.22
C ILE A 233 -13.77 -30.38 8.17
N SER A 234 -13.57 -31.70 8.23
CA SER A 234 -12.73 -32.48 7.27
C SER A 234 -13.47 -32.64 5.94
N ALA A 235 -14.80 -32.53 5.94
CA ALA A 235 -15.67 -32.57 4.73
C ALA A 235 -15.64 -31.21 4.03
N GLU A 236 -15.35 -30.13 4.77
CA GLU A 236 -15.21 -28.75 4.23
C GLU A 236 -13.92 -28.66 3.40
N PHE A 237 -12.88 -29.40 3.79
CA PHE A 237 -11.57 -29.48 3.07
C PHE A 237 -11.79 -30.06 1.66
N ARG A 238 -12.76 -30.97 1.51
CA ARG A 238 -13.09 -31.65 0.23
C ARG A 238 -13.94 -30.73 -0.66
N ASP A 239 -14.47 -29.63 -0.10
CA ASP A 239 -15.34 -28.65 -0.79
C ASP A 239 -14.46 -27.57 -1.43
N PRO A 240 -14.42 -27.47 -2.79
CA PRO A 240 -13.43 -26.64 -3.47
C PRO A 240 -13.70 -25.13 -3.38
N SER A 241 -14.92 -24.73 -3.01
CA SER A 241 -15.35 -23.32 -2.81
C SER A 241 -14.99 -22.86 -1.38
N LEU A 242 -14.72 -23.80 -0.48
CA LEU A 242 -14.38 -23.53 0.95
C LEU A 242 -12.88 -23.70 1.21
N CYS A 243 -12.22 -24.61 0.47
CA CYS A 243 -10.80 -25.00 0.72
C CYS A 243 -10.06 -25.27 -0.60
N THR A 244 -8.79 -24.88 -0.66
CA THR A 244 -7.86 -25.13 -1.80
C THR A 244 -6.44 -25.38 -1.28
N PHE A 245 -5.66 -26.17 -2.03
CA PHE A 245 -4.25 -26.50 -1.77
C PHE A 245 -3.37 -25.79 -2.81
N VAL A 246 -2.25 -25.23 -2.39
CA VAL A 246 -1.24 -24.56 -3.28
C VAL A 246 0.10 -25.30 -3.14
N GLY A 247 0.53 -25.98 -4.20
CA GLY A 247 1.83 -26.67 -4.26
C GLY A 247 2.97 -25.67 -4.41
N VAL A 248 4.10 -25.92 -3.74
CA VAL A 248 5.35 -25.12 -3.85
C VAL A 248 6.49 -26.07 -4.21
N CYS A 249 7.35 -25.68 -5.17
CA CYS A 249 8.48 -26.48 -5.68
C CYS A 249 9.55 -25.56 -6.27
N ILE A 250 10.64 -26.15 -6.79
CA ILE A 250 11.77 -25.43 -7.45
C ILE A 250 12.13 -26.17 -8.74
N PRO A 251 12.77 -25.51 -9.73
CA PRO A 251 13.17 -26.16 -10.98
C PRO A 251 14.34 -27.14 -10.74
N GLU A 252 14.03 -28.32 -10.22
CA GLU A 252 15.01 -29.40 -9.90
C GLU A 252 14.29 -30.74 -9.94
N PHE A 253 14.95 -31.79 -10.44
CA PHE A 253 14.34 -33.11 -10.77
C PHE A 253 13.51 -33.64 -9.59
N LEU A 254 14.15 -33.83 -8.43
CA LEU A 254 13.53 -34.43 -7.21
C LEU A 254 12.33 -33.58 -6.76
N SER A 255 12.44 -32.26 -6.87
CA SER A 255 11.38 -31.28 -6.47
C SER A 255 10.10 -31.53 -7.29
N LEU A 256 10.23 -31.76 -8.60
CA LEU A 256 9.11 -32.13 -9.50
C LEU A 256 8.46 -33.42 -8.99
N TYR A 257 9.26 -34.49 -8.91
CA TYR A 257 8.82 -35.85 -8.51
C TYR A 257 7.98 -35.77 -7.23
N GLU A 258 8.37 -34.94 -6.26
CA GLU A 258 7.70 -34.82 -4.94
C GLU A 258 6.30 -34.19 -5.13
N THR A 259 6.17 -33.19 -5.98
CA THR A 259 4.88 -32.49 -6.26
C THR A 259 4.00 -33.35 -7.17
N GLU A 260 4.60 -34.24 -7.97
CA GLU A 260 3.87 -35.26 -8.78
C GLU A 260 3.06 -36.15 -7.83
N ARG A 261 3.72 -36.66 -6.79
CA ARG A 261 3.13 -37.54 -5.75
C ARG A 261 2.06 -36.76 -4.97
N LEU A 262 2.37 -35.53 -4.57
CA LEU A 262 1.49 -34.64 -3.76
C LEU A 262 0.17 -34.42 -4.50
N VAL A 263 0.24 -34.02 -5.78
CA VAL A 263 -0.93 -33.75 -6.66
C VAL A 263 -1.76 -35.04 -6.80
N GLN A 264 -1.11 -36.20 -6.92
CA GLN A 264 -1.77 -37.52 -7.04
C GLN A 264 -2.40 -37.91 -5.70
N ARG A 265 -1.77 -37.54 -4.58
CA ARG A 265 -2.23 -37.87 -3.21
C ARG A 265 -3.45 -37.02 -2.86
N LEU A 266 -3.48 -35.74 -3.28
CA LEU A 266 -4.63 -34.82 -3.05
C LEU A 266 -5.83 -35.25 -3.91
N ALA A 267 -5.55 -35.87 -5.07
CA ALA A 267 -6.58 -36.37 -6.01
C ALA A 267 -7.38 -37.52 -5.39
N VAL A 268 -6.70 -38.46 -4.72
CA VAL A 268 -7.34 -39.66 -4.09
C VAL A 268 -8.08 -39.23 -2.81
N LEU A 269 -7.65 -38.13 -2.18
CA LEU A 269 -8.25 -37.59 -0.93
C LEU A 269 -9.44 -36.67 -1.28
N ASP A 270 -9.70 -36.41 -2.57
CA ASP A 270 -10.75 -35.48 -3.07
C ASP A 270 -10.40 -34.05 -2.65
N MET A 271 -9.11 -33.73 -2.57
CA MET A 271 -8.59 -32.38 -2.22
C MET A 271 -8.34 -31.59 -3.50
N ASP A 272 -8.73 -30.31 -3.51
CA ASP A 272 -8.61 -29.40 -4.68
C ASP A 272 -7.20 -28.79 -4.71
N CYS A 273 -6.48 -28.98 -5.82
CA CYS A 273 -5.19 -28.31 -6.13
C CYS A 273 -5.16 -27.91 -7.61
N HIS A 274 -5.12 -26.60 -7.88
CA HIS A 274 -5.07 -26.00 -9.25
C HIS A 274 -4.08 -24.84 -9.29
N ALA A 275 -3.15 -24.77 -8.33
CA ALA A 275 -2.14 -23.69 -8.19
C ALA A 275 -0.82 -24.28 -7.71
N ILE A 276 0.28 -23.92 -8.38
CA ILE A 276 1.67 -24.33 -8.05
C ILE A 276 2.57 -23.10 -8.13
N VAL A 277 3.47 -22.93 -7.16
CA VAL A 277 4.43 -21.78 -7.07
C VAL A 277 5.86 -22.31 -7.24
N ILE A 278 6.49 -22.02 -8.37
CA ILE A 278 7.92 -22.34 -8.65
C ILE A 278 8.78 -21.21 -8.07
N ASN A 279 9.65 -21.52 -7.11
CA ASN A 279 10.51 -20.54 -6.40
C ASN A 279 11.95 -20.63 -6.94
N PHE A 280 12.74 -19.58 -6.71
CA PHE A 280 14.19 -19.49 -7.03
C PHE A 280 14.38 -19.65 -8.54
N VAL A 281 13.51 -19.03 -9.32
CA VAL A 281 13.54 -19.03 -10.82
C VAL A 281 14.58 -17.99 -11.26
N LEU A 282 15.67 -18.46 -11.88
CA LEU A 282 16.78 -17.61 -12.39
C LEU A 282 16.32 -16.88 -13.64
N ASP A 283 16.29 -15.54 -13.60
CA ASP A 283 15.86 -14.66 -14.72
C ASP A 283 17.05 -14.46 -15.66
N ALA A 284 17.30 -15.44 -16.53
CA ALA A 284 18.41 -15.45 -17.52
C ALA A 284 18.03 -16.29 -18.74
N ASN A 285 18.68 -16.03 -19.88
CA ASN A 285 18.51 -16.76 -21.16
C ASN A 285 19.79 -16.61 -21.99
N ALA A 286 19.72 -16.87 -23.30
CA ALA A 286 20.86 -16.83 -24.24
C ALA A 286 21.51 -15.44 -24.26
N ALA A 287 20.76 -14.39 -23.94
CA ALA A 287 21.18 -12.97 -23.99
C ALA A 287 22.01 -12.60 -22.75
N THR A 288 21.92 -13.38 -21.66
CA THR A 288 22.63 -13.11 -20.38
C THR A 288 24.13 -13.21 -20.60
N PRO A 289 24.90 -12.11 -20.41
CA PRO A 289 26.35 -12.13 -20.55
C PRO A 289 27.06 -13.22 -19.73
N CYS A 290 26.64 -13.42 -18.47
CA CYS A 290 27.22 -14.40 -17.52
C CYS A 290 26.99 -15.83 -18.03
N SER A 291 28.07 -16.51 -18.43
CA SER A 291 28.08 -17.89 -18.98
C SER A 291 27.55 -18.89 -17.95
N MET A 292 27.94 -18.73 -16.68
CA MET A 292 27.55 -19.64 -15.57
C MET A 292 26.04 -19.54 -15.33
N CYS A 293 25.45 -18.37 -15.58
CA CYS A 293 23.99 -18.11 -15.44
C CYS A 293 23.23 -18.70 -16.64
N ARG A 294 23.79 -18.60 -17.85
CA ARG A 294 23.18 -19.13 -19.10
C ARG A 294 22.93 -20.63 -18.98
N SER A 295 23.88 -21.37 -18.41
CA SER A 295 23.81 -22.86 -18.25
C SER A 295 22.77 -23.22 -17.18
N ARG A 296 22.79 -22.54 -16.03
CA ARG A 296 21.86 -22.79 -14.90
C ARG A 296 20.43 -22.44 -15.32
N ALA A 297 20.27 -21.52 -16.28
CA ALA A 297 18.97 -21.13 -16.88
C ALA A 297 18.47 -22.25 -17.80
N ARG A 298 19.36 -22.80 -18.64
CA ARG A 298 19.07 -23.96 -19.54
C ARG A 298 18.64 -25.17 -18.69
N MET A 299 19.34 -25.43 -17.58
CA MET A 299 19.06 -26.52 -16.62
C MET A 299 17.64 -26.36 -16.05
N GLN A 300 17.24 -25.13 -15.73
CA GLN A 300 15.92 -24.81 -15.11
C GLN A 300 14.81 -24.91 -16.16
N ASN A 301 15.05 -24.37 -17.37
CA ASN A 301 14.09 -24.36 -18.51
C ASN A 301 13.52 -25.77 -18.73
N LYS A 302 14.37 -26.80 -18.66
CA LYS A 302 14.00 -28.23 -18.87
C LYS A 302 12.90 -28.63 -17.88
N TYR A 303 12.99 -28.18 -16.63
CA TYR A 303 12.11 -28.60 -15.50
C TYR A 303 10.87 -27.69 -15.42
N ILE A 304 11.01 -26.42 -15.79
CA ILE A 304 9.88 -25.43 -15.81
C ILE A 304 8.90 -25.82 -16.93
N ASP A 305 9.41 -26.26 -18.08
CA ASP A 305 8.59 -26.68 -19.25
C ASP A 305 7.73 -27.89 -18.87
N GLN A 306 8.34 -28.93 -18.29
CA GLN A 306 7.63 -30.16 -17.83
C GLN A 306 6.35 -29.76 -17.09
N ILE A 307 6.46 -28.82 -16.13
CA ILE A 307 5.32 -28.31 -15.31
C ILE A 307 4.25 -27.70 -16.22
N ASN A 308 4.67 -26.87 -17.19
CA ASN A 308 3.76 -26.18 -18.14
C ASN A 308 3.02 -27.21 -18.99
N GLU A 309 3.73 -28.21 -19.51
CA GLU A 309 3.16 -29.29 -20.36
C GLU A 309 2.22 -30.16 -19.51
N LEU A 310 2.65 -30.52 -18.30
CA LEU A 310 1.95 -31.50 -17.42
C LEU A 310 0.71 -30.86 -16.78
N TYR A 311 0.89 -29.72 -16.11
CA TYR A 311 -0.16 -29.04 -15.29
C TYR A 311 -0.73 -27.84 -16.08
N ASP A 312 -1.26 -28.10 -17.28
CA ASP A 312 -1.80 -27.08 -18.21
C ASP A 312 -3.12 -26.50 -17.68
N ASP A 313 -3.77 -27.18 -16.72
CA ASP A 313 -5.06 -26.76 -16.10
C ASP A 313 -4.81 -26.14 -14.73
N PHE A 314 -3.56 -25.91 -14.34
CA PHE A 314 -3.15 -25.29 -13.06
C PHE A 314 -2.65 -23.86 -13.30
N ASN A 315 -2.80 -22.99 -12.30
CA ASN A 315 -2.14 -21.66 -12.23
C ASN A 315 -0.68 -21.86 -11.81
N ILE A 316 0.25 -21.79 -12.76
CA ILE A 316 1.71 -21.97 -12.50
C ILE A 316 2.33 -20.59 -12.30
N VAL A 317 2.68 -20.25 -11.05
CA VAL A 317 3.28 -18.94 -10.65
C VAL A 317 4.80 -19.10 -10.60
N LEU A 318 5.52 -18.20 -11.28
CA LEU A 318 7.01 -18.16 -11.33
C LEU A 318 7.50 -17.00 -10.46
N SER A 319 8.18 -17.32 -9.35
CA SER A 319 8.72 -16.35 -8.35
C SER A 319 10.22 -16.17 -8.57
N PRO A 320 10.69 -14.95 -8.93
CA PRO A 320 12.10 -14.71 -9.21
C PRO A 320 13.05 -15.00 -8.04
N LEU A 321 14.30 -15.35 -8.35
CA LEU A 321 15.40 -15.52 -7.36
C LEU A 321 15.77 -14.15 -6.78
N ARG A 322 15.75 -14.02 -5.45
CA ARG A 322 16.16 -12.80 -4.71
C ARG A 322 17.57 -13.03 -4.15
N HIS A 323 18.37 -11.97 -4.05
CA HIS A 323 19.77 -12.02 -3.55
C HIS A 323 19.78 -12.49 -2.09
N ASP A 324 19.10 -11.74 -1.21
CA ASP A 324 19.02 -12.01 0.24
C ASP A 324 17.70 -12.74 0.54
N GLU A 325 17.73 -13.74 1.44
CA GLU A 325 16.53 -14.49 1.88
C GLU A 325 15.55 -13.53 2.56
N VAL A 326 14.25 -13.81 2.45
CA VAL A 326 13.15 -12.91 2.89
C VAL A 326 13.06 -12.93 4.41
N ARG A 327 13.23 -11.76 5.05
CA ARG A 327 13.11 -11.57 6.52
C ARG A 327 12.44 -10.22 6.81
N GLY A 328 11.32 -10.23 7.54
CA GLY A 328 10.57 -9.02 7.94
C GLY A 328 9.34 -8.80 7.07
N ILE A 329 8.31 -8.16 7.63
CA ILE A 329 7.00 -7.85 6.96
C ILE A 329 7.25 -7.01 5.69
N ALA A 330 8.34 -6.24 5.64
CA ALA A 330 8.72 -5.34 4.52
C ALA A 330 8.99 -6.16 3.25
N ASN A 331 9.80 -7.21 3.36
CA ASN A 331 10.27 -8.05 2.21
C ASN A 331 9.18 -9.07 1.85
N LEU A 332 8.49 -9.64 2.83
CA LEU A 332 7.32 -10.55 2.63
C LEU A 332 6.32 -9.84 1.71
N ARG A 333 5.98 -8.58 2.02
CA ARG A 333 5.04 -7.74 1.23
C ARG A 333 5.59 -7.55 -0.19
N ASP A 334 6.89 -7.35 -0.33
CA ASP A 334 7.59 -7.12 -1.63
C ASP A 334 7.57 -8.42 -2.45
N TYR A 335 7.90 -9.55 -1.82
CA TYR A 335 7.87 -10.91 -2.44
C TYR A 335 6.46 -11.21 -2.97
N ALA A 336 5.43 -10.82 -2.21
CA ALA A 336 4.00 -11.12 -2.46
C ALA A 336 3.52 -10.49 -3.77
N GLU A 337 4.16 -9.39 -4.21
CA GLU A 337 3.84 -8.66 -5.46
C GLU A 337 3.82 -9.64 -6.65
N THR A 338 4.81 -10.54 -6.71
CA THR A 338 5.07 -11.45 -7.86
C THR A 338 4.14 -12.68 -7.81
N LEU A 339 3.38 -12.86 -6.72
CA LEU A 339 2.36 -13.93 -6.59
C LEU A 339 1.08 -13.54 -7.33
N ILE A 340 0.74 -12.24 -7.34
CA ILE A 340 -0.55 -11.71 -7.88
C ILE A 340 -0.29 -10.99 -9.22
N LYS A 341 0.79 -10.22 -9.32
CA LYS A 341 1.19 -9.52 -10.58
C LYS A 341 2.38 -10.25 -11.19
N PRO A 342 2.18 -11.04 -12.27
CA PRO A 342 3.22 -11.92 -12.78
C PRO A 342 4.47 -11.13 -13.22
N TYR A 343 5.63 -11.48 -12.67
CA TYR A 343 6.95 -10.82 -12.90
C TYR A 343 7.33 -10.96 -14.38
N ARG A 344 7.83 -9.89 -14.99
CA ARG A 344 8.31 -9.88 -16.40
C ARG A 344 9.76 -10.36 -16.43
N PHE A 345 9.96 -11.65 -16.74
CA PHE A 345 11.30 -12.27 -16.96
C PHE A 345 11.82 -11.83 -18.34
N CYS A 346 13.04 -12.22 -18.68
CA CYS A 346 13.71 -11.88 -19.97
C CYS A 346 13.03 -12.63 -21.13
N TRP A 347 12.57 -13.86 -20.89
CA TRP A 347 11.92 -14.73 -21.90
C TRP A 347 10.44 -14.36 -22.07
N SER A 348 9.93 -13.41 -21.27
CA SER A 348 8.61 -12.76 -21.47
C SER A 348 8.70 -11.80 -22.65
N ALA A 349 7.87 -12.00 -23.68
CA ALA A 349 7.78 -11.15 -24.90
C ALA A 349 7.51 -9.69 -24.48
N ASN A 350 6.64 -9.49 -23.49
CA ASN A 350 6.38 -8.18 -22.84
C ASN A 350 5.68 -8.41 -21.49
N ALA B 1 6.19 1.34 -19.95
CA ALA B 1 5.05 1.09 -19.01
C ALA B 1 5.33 1.80 -17.67
N THR B 2 5.61 3.10 -17.72
CA THR B 2 5.97 3.95 -16.55
C THR B 2 4.70 4.33 -15.79
N TYR B 3 4.73 4.23 -14.45
CA TYR B 3 3.64 4.65 -13.53
C TYR B 3 4.25 5.16 -12.22
N MET B 4 3.67 6.21 -11.65
CA MET B 4 4.08 6.82 -10.36
C MET B 4 2.96 6.61 -9.33
N LEU B 5 3.33 6.35 -8.07
CA LEU B 5 2.41 6.07 -6.94
C LEU B 5 1.45 7.26 -6.79
N PRO B 6 0.12 7.02 -6.64
CA PRO B 6 -0.84 8.11 -6.50
C PRO B 6 -0.78 8.74 -5.11
N SER B 7 0.28 9.50 -4.83
CA SER B 7 0.55 10.14 -3.51
C SER B 7 1.62 11.23 -3.65
N LEU B 8 1.82 12.02 -2.60
CA LEU B 8 2.82 13.12 -2.51
C LEU B 8 3.95 12.71 -1.56
N HIS B 9 4.26 11.40 -1.49
CA HIS B 9 5.33 10.83 -0.63
C HIS B 9 6.70 11.22 -1.20
N ASP B 10 6.85 11.20 -2.52
CA ASP B 10 8.08 11.61 -3.26
C ASP B 10 8.44 13.05 -2.89
N ILE B 11 7.44 13.93 -2.85
CA ILE B 11 7.60 15.40 -2.61
C ILE B 11 7.93 15.64 -1.14
N LEU B 12 7.39 14.84 -0.23
CA LEU B 12 7.65 14.94 1.23
C LEU B 12 9.09 14.52 1.54
N ASP B 13 9.53 13.40 0.96
CA ASP B 13 10.86 12.76 1.22
C ASP B 13 11.98 13.64 0.65
N GLN B 14 11.79 14.18 -0.56
CA GLN B 14 12.76 15.10 -1.23
C GLN B 14 12.84 16.40 -0.44
N HIS B 15 13.83 16.51 0.45
CA HIS B 15 14.03 17.64 1.39
C HIS B 15 14.74 18.81 0.70
N THR B 16 15.29 18.57 -0.49
CA THR B 16 15.96 19.59 -1.36
C THR B 16 14.96 20.66 -1.78
N TYR B 17 13.65 20.34 -1.81
CA TYR B 17 12.54 21.29 -2.12
C TYR B 17 12.48 22.39 -1.05
N LYS B 18 12.62 23.65 -1.48
CA LYS B 18 12.55 24.85 -0.60
C LYS B 18 11.40 25.78 -1.06
N TRP B 19 10.72 25.44 -2.16
CA TRP B 19 9.53 26.18 -2.68
C TRP B 19 8.45 25.18 -3.12
N ILE B 20 7.31 25.15 -2.41
CA ILE B 20 6.16 24.24 -2.70
C ILE B 20 4.96 25.11 -3.11
N PHE B 21 4.58 25.06 -4.39
CA PHE B 21 3.45 25.83 -4.97
C PHE B 21 2.22 24.93 -5.11
N PHE B 22 1.08 25.40 -4.58
CA PHE B 22 -0.25 24.76 -4.69
C PHE B 22 -1.18 25.69 -5.47
N GLY B 23 -1.75 25.21 -6.57
CA GLY B 23 -2.61 26.00 -7.47
C GLY B 23 -3.85 25.23 -7.90
N GLY B 24 -4.82 25.93 -8.48
CA GLY B 24 -6.14 25.39 -8.87
C GLY B 24 -7.19 26.48 -8.88
N LYS B 25 -7.74 26.80 -10.06
CA LYS B 25 -8.77 27.87 -10.26
C LYS B 25 -10.15 27.28 -9.95
N GLY B 26 -10.89 27.92 -9.03
CA GLY B 26 -12.25 27.54 -8.61
C GLY B 26 -12.27 26.94 -7.21
N GLY B 27 -13.44 26.47 -6.77
CA GLY B 27 -13.66 25.83 -5.46
C GLY B 27 -13.30 24.36 -5.50
N VAL B 28 -12.02 24.04 -5.30
CA VAL B 28 -11.43 22.68 -5.44
C VAL B 28 -10.73 22.27 -4.15
N GLY B 29 -11.08 22.90 -3.02
CA GLY B 29 -10.43 22.69 -1.71
C GLY B 29 -8.92 22.78 -1.81
N LYS B 30 -8.42 23.77 -2.56
CA LYS B 30 -6.98 24.04 -2.79
C LYS B 30 -6.33 24.50 -1.47
N THR B 31 -7.05 25.30 -0.68
CA THR B 31 -6.58 25.86 0.61
C THR B 31 -6.39 24.72 1.63
N THR B 32 -7.34 23.79 1.69
CA THR B 32 -7.34 22.65 2.64
C THR B 32 -6.15 21.74 2.35
N THR B 33 -5.95 21.34 1.08
CA THR B 33 -4.81 20.52 0.62
C THR B 33 -3.48 21.20 1.00
N SER B 34 -3.31 22.46 0.57
CA SER B 34 -2.09 23.29 0.77
C SER B 34 -1.79 23.43 2.27
N SER B 35 -2.81 23.68 3.09
CA SER B 35 -2.71 23.89 4.56
C SER B 35 -2.40 22.55 5.25
N SER B 36 -3.14 21.49 4.91
CA SER B 36 -3.00 20.12 5.48
C SER B 36 -1.61 19.55 5.17
N PHE B 37 -1.08 19.83 3.98
CA PHE B 37 0.22 19.32 3.48
C PHE B 37 1.37 19.89 4.33
N SER B 38 1.34 21.20 4.58
CA SER B 38 2.37 21.93 5.37
C SER B 38 2.39 21.40 6.82
N VAL B 39 1.21 21.15 7.39
CA VAL B 39 1.02 20.58 8.76
C VAL B 39 1.75 19.23 8.85
N LEU B 40 1.74 18.45 7.76
CA LEU B 40 2.37 17.10 7.71
C LEU B 40 3.90 17.26 7.66
N MET B 41 4.41 18.18 6.84
CA MET B 41 5.87 18.47 6.69
C MET B 41 6.43 18.97 8.03
N ALA B 42 5.63 19.73 8.78
CA ALA B 42 6.00 20.35 10.07
C ALA B 42 6.36 19.28 11.11
N GLU B 43 5.50 18.26 11.25
CA GLU B 43 5.60 17.22 12.31
C GLU B 43 6.49 16.06 11.84
N THR B 44 6.61 15.86 10.51
CA THR B 44 7.53 14.87 9.89
C THR B 44 8.98 15.33 10.08
N ARG B 45 9.21 16.65 10.02
CA ARG B 45 10.53 17.30 10.22
C ARG B 45 10.43 18.30 11.37
N PRO B 46 10.46 17.84 12.64
CA PRO B 46 10.28 18.74 13.78
C PRO B 46 11.54 19.54 14.16
N ASN B 47 12.69 19.24 13.53
CA ASN B 47 14.01 19.85 13.82
C ASN B 47 14.29 20.99 12.84
N GLU B 48 13.24 21.54 12.20
CA GLU B 48 13.35 22.60 11.15
C GLU B 48 12.19 23.60 11.33
N LYS B 49 12.11 24.60 10.46
CA LYS B 49 11.04 25.64 10.44
C LYS B 49 10.50 25.80 9.01
N PHE B 50 9.18 26.00 8.86
CA PHE B 50 8.47 26.16 7.57
C PHE B 50 7.44 27.29 7.66
N LEU B 51 7.05 27.83 6.51
CA LEU B 51 6.14 29.01 6.38
C LEU B 51 5.01 28.68 5.39
N LEU B 52 3.76 28.92 5.79
CA LEU B 52 2.56 28.85 4.91
C LEU B 52 2.23 30.28 4.43
N LEU B 53 2.08 30.47 3.11
CA LEU B 53 1.97 31.79 2.46
C LEU B 53 0.85 31.73 1.41
N SER B 54 -0.23 32.50 1.63
CA SER B 54 -1.43 32.55 0.76
C SER B 54 -1.53 33.91 0.06
N THR B 55 -2.02 33.91 -1.19
CA THR B 55 -2.28 35.11 -2.02
C THR B 55 -3.80 35.24 -2.25
N ASP B 56 -4.60 34.52 -1.46
CA ASP B 56 -6.08 34.43 -1.57
C ASP B 56 -6.70 35.58 -0.78
N PRO B 57 -7.47 36.49 -1.42
CA PRO B 57 -8.09 37.61 -0.72
C PRO B 57 -9.31 37.23 0.14
N ALA B 58 -9.80 35.99 0.01
CA ALA B 58 -10.95 35.44 0.78
C ALA B 58 -10.51 35.05 2.19
N HIS B 59 -9.18 34.96 2.44
CA HIS B 59 -8.56 34.58 3.74
C HIS B 59 -9.05 33.20 4.16
N ASN B 60 -9.05 32.24 3.22
CA ASN B 60 -9.64 30.89 3.39
C ASN B 60 -8.74 30.05 4.31
N ILE B 61 -7.44 30.37 4.40
CA ILE B 61 -6.47 29.72 5.34
C ILE B 61 -6.91 30.01 6.78
N SER B 62 -7.48 31.19 7.03
CA SER B 62 -7.99 31.62 8.35
C SER B 62 -9.20 30.77 8.76
N ASP B 63 -9.86 30.12 7.79
CA ASP B 63 -10.99 29.17 8.02
C ASP B 63 -10.47 27.73 8.10
N ALA B 64 -9.39 27.40 7.38
CA ALA B 64 -8.72 26.08 7.39
C ALA B 64 -8.22 25.76 8.81
N PHE B 65 -7.59 26.75 9.45
CA PHE B 65 -7.31 26.78 10.91
C PHE B 65 -8.42 27.58 11.60
N ASP B 66 -8.36 27.73 12.93
CA ASP B 66 -9.31 28.55 13.72
C ASP B 66 -8.74 29.96 13.89
N GLN B 67 -7.41 30.08 14.00
CA GLN B 67 -6.67 31.33 14.34
C GLN B 67 -6.78 32.33 13.17
N LYS B 68 -6.71 33.62 13.49
CA LYS B 68 -6.68 34.75 12.51
C LYS B 68 -5.23 35.01 12.08
N PHE B 69 -5.01 35.33 10.80
CA PHE B 69 -3.68 35.55 10.19
C PHE B 69 -3.67 36.91 9.46
N GLY B 70 -2.51 37.58 9.47
CA GLY B 70 -2.32 38.93 8.91
C GLY B 70 -1.22 38.98 7.86
N LYS B 71 -0.39 40.02 7.89
CA LYS B 71 0.71 40.27 6.91
C LYS B 71 2.02 39.67 7.43
N ALA B 72 2.26 39.76 8.74
CA ALA B 72 3.45 39.19 9.43
C ALA B 72 3.26 37.69 9.61
N PRO B 73 4.35 36.88 9.64
CA PRO B 73 4.24 35.44 9.79
C PRO B 73 3.77 35.03 11.19
N THR B 74 2.45 35.03 11.40
CA THR B 74 1.77 34.66 12.67
C THR B 74 1.92 33.16 12.91
N GLN B 75 2.33 32.77 14.12
CA GLN B 75 2.55 31.35 14.53
C GLN B 75 1.18 30.68 14.75
N VAL B 76 0.98 29.49 14.18
CA VAL B 76 -0.26 28.66 14.35
C VAL B 76 -0.22 28.02 15.75
N SER B 77 -1.38 27.98 16.42
CA SER B 77 -1.54 27.63 17.86
C SER B 77 -1.01 26.22 18.16
N GLY B 78 -1.45 25.22 17.37
CA GLY B 78 -1.15 23.80 17.59
C GLY B 78 0.31 23.46 17.36
N ILE B 79 0.91 24.00 16.29
CA ILE B 79 2.28 23.65 15.80
C ILE B 79 3.17 24.89 15.87
N PRO B 80 4.10 24.99 16.86
CA PRO B 80 5.07 26.08 16.90
C PRO B 80 6.06 26.08 15.73
N ASN B 81 6.17 24.96 15.01
CA ASN B 81 7.05 24.77 13.81
C ASN B 81 6.62 25.72 12.69
N LEU B 82 5.32 25.80 12.40
CA LEU B 82 4.75 26.52 11.22
C LEU B 82 4.42 27.99 11.58
N TYR B 83 4.44 28.86 10.57
CA TYR B 83 3.92 30.25 10.61
C TYR B 83 3.07 30.48 9.36
N ALA B 84 2.10 31.40 9.46
CA ALA B 84 1.11 31.70 8.40
C ALA B 84 1.02 33.21 8.16
N MET B 85 0.92 33.63 6.90
CA MET B 85 0.65 35.04 6.49
C MET B 85 -0.20 35.04 5.22
N GLU B 86 -0.93 36.12 4.97
CA GLU B 86 -1.82 36.30 3.79
C GLU B 86 -1.51 37.66 3.13
N VAL B 87 -0.81 37.64 2.00
CA VAL B 87 -0.40 38.85 1.22
C VAL B 87 -1.49 39.18 0.20
N ASP B 88 -1.66 40.46 -0.14
CA ASP B 88 -2.63 40.98 -1.12
C ASP B 88 -2.02 42.16 -1.88
N PHE B 121 12.42 53.53 -1.95
CA PHE B 121 11.17 52.78 -2.27
C PHE B 121 10.31 53.62 -3.23
N GLY B 122 9.80 54.76 -2.74
CA GLY B 122 8.95 55.68 -3.51
C GLY B 122 9.76 56.61 -4.41
N GLY B 123 11.01 56.90 -4.02
CA GLY B 123 11.95 57.75 -4.77
C GLY B 123 12.35 57.12 -6.10
N LEU B 124 12.36 55.79 -6.18
CA LEU B 124 12.72 55.02 -7.40
C LEU B 124 11.52 54.92 -8.35
N ASN B 125 10.31 54.73 -7.80
CA ASN B 125 9.05 54.57 -8.57
C ASN B 125 8.86 55.75 -9.52
N ASP B 126 9.22 56.97 -9.07
CA ASP B 126 9.08 58.23 -9.85
C ASP B 126 10.03 58.20 -11.05
N LEU B 127 11.25 57.68 -10.86
CA LEU B 127 12.30 57.55 -11.92
C LEU B 127 11.78 56.64 -13.05
N ILE B 128 11.21 55.49 -12.70
CA ILE B 128 10.74 54.44 -13.66
C ILE B 128 9.57 55.01 -14.49
N THR B 129 8.61 55.67 -13.82
CA THR B 129 7.40 56.27 -14.45
C THR B 129 7.82 57.38 -15.42
N CYS B 130 8.77 58.23 -15.02
CA CYS B 130 9.31 59.38 -15.80
C CYS B 130 10.10 58.86 -17.01
N ALA B 131 10.94 57.84 -16.80
CA ALA B 131 11.79 57.20 -17.84
C ALA B 131 10.91 56.47 -18.87
N SER B 132 9.94 55.68 -18.39
CA SER B 132 9.01 54.87 -19.22
C SER B 132 8.05 55.78 -20.00
N SER B 133 7.84 57.01 -19.52
CA SER B 133 7.04 58.07 -20.20
C SER B 133 7.66 58.40 -21.55
N PHE B 134 8.98 58.65 -21.56
CA PHE B 134 9.79 59.07 -22.74
C PHE B 134 9.46 58.20 -23.95
N ILE B 135 9.58 56.88 -23.81
CA ILE B 135 9.39 55.88 -24.90
C ILE B 135 8.52 54.73 -24.39
N LYS B 136 7.43 54.42 -25.10
CA LYS B 136 6.49 53.30 -24.79
C LYS B 136 5.69 52.94 -26.05
N ASP B 137 5.23 51.69 -26.14
CA ASP B 137 4.41 51.16 -27.27
C ASP B 137 3.20 50.42 -26.69
N PRO B 141 3.57 47.87 -17.14
CA PRO B 141 3.54 46.94 -16.00
C PRO B 141 3.53 47.68 -14.66
N GLY B 142 3.50 46.92 -13.55
CA GLY B 142 3.43 47.43 -12.17
C GLY B 142 4.66 47.04 -11.35
N MET B 143 5.15 47.96 -10.52
CA MET B 143 6.31 47.75 -9.61
C MET B 143 5.84 47.18 -8.27
N ASP B 144 4.52 47.25 -8.01
CA ASP B 144 3.87 46.77 -6.75
C ASP B 144 4.37 45.36 -6.40
N GLU B 145 4.29 44.44 -7.37
CA GLU B 145 4.59 42.99 -7.20
C GLU B 145 6.08 42.79 -6.88
N MET B 146 6.97 43.51 -7.59
CA MET B 146 8.46 43.39 -7.44
C MET B 146 8.87 43.79 -6.02
N TRP B 147 8.32 44.89 -5.51
CA TRP B 147 8.67 45.47 -4.17
C TRP B 147 8.21 44.53 -3.05
N SER B 148 6.98 44.00 -3.16
CA SER B 148 6.39 43.05 -2.19
C SER B 148 7.18 41.73 -2.16
N PHE B 149 7.81 41.37 -3.29
CA PHE B 149 8.54 40.09 -3.49
C PHE B 149 9.90 40.13 -2.81
N ILE B 150 10.61 41.26 -2.85
CA ILE B 150 11.98 41.42 -2.27
C ILE B 150 11.89 41.61 -0.75
N ASN B 151 10.84 42.27 -0.25
CA ASN B 151 10.54 42.43 1.20
C ASN B 151 10.30 41.05 1.81
N LEU B 152 9.59 40.18 1.08
CA LEU B 152 9.21 38.81 1.48
C LEU B 152 10.46 37.92 1.56
N ILE B 153 11.28 37.92 0.51
CA ILE B 153 12.49 37.04 0.37
C ILE B 153 13.48 37.36 1.50
N LYS B 154 13.63 38.64 1.86
CA LYS B 154 14.54 39.10 2.94
C LYS B 154 13.97 38.67 4.31
N LEU B 155 12.64 38.65 4.45
CA LEU B 155 11.93 38.20 5.68
C LEU B 155 12.03 36.68 5.82
N ILE B 156 12.20 35.95 4.71
CA ILE B 156 12.31 34.46 4.69
C ILE B 156 13.68 34.05 5.22
N ASP B 157 14.76 34.66 4.74
CA ASP B 157 16.17 34.29 5.06
C ASP B 157 16.50 34.65 6.51
N THR B 158 16.05 35.81 6.99
CA THR B 158 16.27 36.30 8.39
C THR B 158 15.66 35.30 9.38
N ASN B 159 14.39 34.96 9.18
CA ASN B 159 13.64 33.98 10.02
C ASN B 159 14.19 32.57 9.81
N GLU B 160 14.72 32.30 8.61
CA GLU B 160 15.34 31.00 8.20
C GLU B 160 14.25 29.92 8.15
N TYR B 161 13.69 29.68 6.96
CA TYR B 161 12.71 28.60 6.67
C TYR B 161 13.36 27.59 5.73
N SER B 162 13.13 26.30 5.98
CA SER B 162 13.65 25.17 5.17
C SER B 162 12.83 25.03 3.88
N THR B 163 11.51 25.19 3.98
CA THR B 163 10.54 25.13 2.85
C THR B 163 9.41 26.15 3.07
N VAL B 164 9.06 26.90 2.01
CA VAL B 164 7.92 27.86 1.99
C VAL B 164 6.80 27.26 1.13
N ILE B 165 5.60 27.13 1.71
CA ILE B 165 4.38 26.56 1.02
C ILE B 165 3.55 27.73 0.48
N PHE B 166 3.38 27.80 -0.84
CA PHE B 166 2.59 28.82 -1.57
C PHE B 166 1.16 28.30 -1.80
N ASP B 167 0.17 28.97 -1.21
CA ASP B 167 -1.27 28.74 -1.46
C ASP B 167 -1.78 29.85 -2.39
N THR B 168 -1.60 29.67 -3.70
CA THR B 168 -1.90 30.68 -4.75
C THR B 168 -3.40 31.00 -4.75
N ALA B 169 -3.79 32.07 -5.44
CA ALA B 169 -5.18 32.60 -5.49
C ALA B 169 -6.07 31.65 -6.28
N PRO B 170 -7.31 31.37 -5.79
CA PRO B 170 -8.27 30.56 -6.53
C PRO B 170 -9.10 31.34 -7.56
N THR B 171 -9.24 32.65 -7.38
CA THR B 171 -10.16 33.53 -8.15
C THR B 171 -9.51 33.90 -9.49
N GLY B 172 -8.72 34.98 -9.53
CA GLY B 172 -8.22 35.60 -10.77
C GLY B 172 -6.83 35.14 -11.12
N HIS B 173 -5.88 36.08 -11.24
CA HIS B 173 -4.48 35.85 -11.68
C HIS B 173 -3.71 35.06 -10.62
N THR B 174 -3.90 33.74 -10.61
CA THR B 174 -3.28 32.77 -9.65
C THR B 174 -1.75 32.92 -9.68
N LEU B 175 -1.17 33.20 -10.85
CA LEU B 175 0.30 33.38 -11.06
C LEU B 175 0.71 34.79 -10.62
N ARG B 176 1.33 34.91 -9.45
CA ARG B 176 1.72 36.20 -8.82
C ARG B 176 3.18 36.52 -9.17
N PHE B 177 4.12 35.77 -8.59
CA PHE B 177 5.58 36.06 -8.60
C PHE B 177 6.30 35.16 -9.61
N LEU B 178 5.55 34.54 -10.52
CA LEU B 178 6.07 33.60 -11.56
C LEU B 178 6.05 34.29 -12.93
N GLU B 179 5.84 35.60 -12.97
CA GLU B 179 5.83 36.42 -14.21
C GLU B 179 6.70 37.69 -14.01
N LEU B 180 7.55 37.70 -12.98
CA LEU B 180 8.40 38.87 -12.60
C LEU B 180 9.55 39.03 -13.59
N PRO B 181 10.19 37.94 -14.09
CA PRO B 181 11.24 38.06 -15.10
C PRO B 181 10.87 38.93 -16.32
N GLU B 182 9.57 39.05 -16.62
CA GLU B 182 9.05 39.94 -17.71
C GLU B 182 9.21 41.41 -17.29
N THR B 183 8.88 41.74 -16.04
CA THR B 183 8.99 43.11 -15.47
C THR B 183 10.47 43.47 -15.25
N VAL B 184 11.29 42.49 -14.87
CA VAL B 184 12.75 42.65 -14.62
C VAL B 184 13.44 43.10 -15.91
N ASN B 185 13.16 42.41 -17.03
CA ASN B 185 13.74 42.69 -18.37
C ASN B 185 13.33 44.11 -18.81
N LYS B 186 12.09 44.51 -18.52
CA LYS B 186 11.52 45.85 -18.86
C LYS B 186 12.27 46.94 -18.07
N VAL B 187 12.57 46.68 -16.79
CA VAL B 187 13.27 47.65 -15.89
C VAL B 187 14.72 47.84 -16.36
N LEU B 188 15.46 46.76 -16.53
CA LEU B 188 16.90 46.77 -16.96
C LEU B 188 17.04 47.51 -18.29
N GLU B 189 16.09 47.30 -19.21
CA GLU B 189 16.08 47.91 -20.58
C GLU B 189 15.96 49.44 -20.47
N ILE B 190 15.30 49.93 -19.41
CA ILE B 190 15.13 51.40 -19.12
C ILE B 190 16.44 51.94 -18.53
N PHE B 191 17.15 51.15 -17.73
CA PHE B 191 18.43 51.55 -17.07
C PHE B 191 19.55 51.66 -18.12
N THR B 192 19.63 50.69 -19.05
CA THR B 192 20.60 50.71 -20.18
C THR B 192 20.44 52.01 -20.96
N ARG B 193 19.19 52.37 -21.28
CA ARG B 193 18.83 53.59 -22.06
C ARG B 193 19.12 54.85 -21.22
N LEU B 194 18.85 54.82 -19.91
CA LEU B 194 19.13 55.94 -18.96
C LEU B 194 20.64 56.20 -18.93
N LYS B 195 21.45 55.15 -18.70
CA LYS B 195 22.93 55.23 -18.56
C LYS B 195 23.56 55.75 -19.86
N ASP B 196 23.02 55.35 -21.02
CA ASP B 196 23.57 55.67 -22.36
C ASP B 196 22.88 56.92 -22.95
N ASN B 197 21.89 57.47 -22.24
CA ASN B 197 21.18 58.72 -22.64
C ASN B 197 20.58 58.54 -24.04
N MET B 198 19.88 57.41 -24.27
CA MET B 198 19.31 57.03 -25.58
C MET B 198 18.31 58.09 -26.04
N GLY B 199 18.66 58.85 -27.09
CA GLY B 199 17.81 59.87 -27.72
C GLY B 199 17.51 61.04 -26.80
N GLY B 200 18.30 61.22 -25.73
CA GLY B 200 18.15 62.30 -24.75
C GLY B 200 17.20 61.95 -23.62
N MET B 201 17.16 60.68 -23.21
CA MET B 201 16.29 60.17 -22.11
C MET B 201 16.78 60.72 -20.77
N LEU B 202 18.11 60.74 -20.56
CA LEU B 202 18.75 61.17 -19.29
C LEU B 202 18.56 62.68 -19.10
N SER B 203 18.85 63.47 -20.14
CA SER B 203 18.69 64.95 -20.18
C SER B 203 17.25 65.33 -19.79
N MET B 204 16.27 64.58 -20.28
CA MET B 204 14.82 64.78 -19.98
C MET B 204 14.54 64.41 -18.52
N VAL B 205 14.86 63.17 -18.13
CA VAL B 205 14.59 62.61 -16.77
C VAL B 205 15.26 63.49 -15.72
N MET B 206 16.47 63.98 -15.99
CA MET B 206 17.25 64.87 -15.08
C MET B 206 16.46 66.14 -14.79
N GLN B 207 16.15 66.92 -15.83
CA GLN B 207 15.58 68.28 -15.72
C GLN B 207 14.09 68.21 -15.32
N THR B 208 13.42 67.11 -15.63
CA THR B 208 11.98 66.87 -15.31
C THR B 208 11.85 66.54 -13.81
N MET B 209 12.78 65.77 -13.26
CA MET B 209 12.81 65.36 -11.82
C MET B 209 13.66 66.35 -11.00
N GLY B 210 14.52 67.13 -11.66
CA GLY B 210 15.44 68.09 -11.00
C GLY B 210 16.53 67.37 -10.24
N LEU B 211 17.10 66.31 -10.83
CA LEU B 211 18.19 65.48 -10.24
C LEU B 211 19.43 65.54 -11.15
N SER B 212 20.62 65.29 -10.59
CA SER B 212 21.91 65.19 -11.32
C SER B 212 22.08 63.76 -11.85
N GLN B 213 23.06 63.55 -12.74
CA GLN B 213 23.42 62.22 -13.27
C GLN B 213 23.73 61.29 -12.10
N ASN B 214 24.59 61.73 -11.18
CA ASN B 214 25.11 60.94 -10.03
C ASN B 214 23.96 60.59 -9.07
N ASP B 215 22.90 61.41 -9.02
CA ASP B 215 21.68 61.13 -8.22
C ASP B 215 20.91 59.97 -8.88
N ILE B 216 20.74 60.01 -10.21
CA ILE B 216 20.03 58.96 -11.00
C ILE B 216 20.91 57.71 -11.06
N PHE B 217 22.20 57.88 -11.35
CA PHE B 217 23.23 56.79 -11.41
C PHE B 217 23.41 56.17 -10.01
N GLY B 218 23.17 56.97 -8.95
CA GLY B 218 23.20 56.51 -7.55
C GLY B 218 22.14 55.47 -7.27
N LEU B 219 20.90 55.71 -7.72
CA LEU B 219 19.73 54.81 -7.53
C LEU B 219 19.94 53.54 -8.37
N ILE B 220 20.30 53.69 -9.65
CA ILE B 220 20.43 52.58 -10.64
C ILE B 220 21.47 51.56 -10.14
N ASP B 221 22.52 52.01 -9.45
CA ASP B 221 23.60 51.15 -8.88
C ASP B 221 23.06 50.43 -7.63
N LYS B 222 22.24 51.12 -6.85
CA LYS B 222 21.63 50.60 -5.58
C LYS B 222 20.65 49.47 -5.89
N THR B 223 19.97 49.52 -7.04
CA THR B 223 18.86 48.59 -7.43
C THR B 223 19.42 47.30 -8.02
N TYR B 224 20.56 47.36 -8.73
CA TYR B 224 21.19 46.20 -9.44
C TYR B 224 21.17 44.95 -8.55
N PRO B 225 21.76 44.98 -7.33
CA PRO B 225 21.79 43.80 -6.47
C PRO B 225 20.40 43.25 -6.09
N LYS B 226 19.41 44.14 -5.92
CA LYS B 226 18.01 43.79 -5.56
C LYS B 226 17.32 43.12 -6.76
N ILE B 227 17.73 43.45 -7.99
CA ILE B 227 17.19 42.89 -9.26
C ILE B 227 17.93 41.57 -9.57
N ASP B 228 19.17 41.43 -9.10
CA ASP B 228 20.02 40.22 -9.32
C ASP B 228 19.47 39.05 -8.49
N VAL B 229 18.92 39.33 -7.30
CA VAL B 229 18.44 38.29 -6.33
C VAL B 229 17.07 37.76 -6.79
N VAL B 230 16.18 38.61 -7.31
CA VAL B 230 14.83 38.19 -7.80
C VAL B 230 15.01 37.29 -9.03
N LYS B 231 16.06 37.51 -9.82
CA LYS B 231 16.44 36.64 -10.98
C LYS B 231 17.00 35.31 -10.45
N ARG B 232 17.78 35.36 -9.36
CA ARG B 232 18.34 34.18 -8.67
C ARG B 232 17.19 33.34 -8.08
N ILE B 233 16.25 33.98 -7.39
CA ILE B 233 15.06 33.33 -6.76
C ILE B 233 14.14 32.80 -7.87
N SER B 234 13.96 33.57 -8.95
CA SER B 234 13.14 33.19 -10.13
C SER B 234 13.75 31.95 -10.80
N ALA B 235 15.08 31.82 -10.79
CA ALA B 235 15.82 30.66 -11.33
C ALA B 235 15.57 29.42 -10.45
N GLU B 236 15.47 29.61 -9.13
CA GLU B 236 15.23 28.53 -8.14
C GLU B 236 13.82 27.97 -8.30
N PHE B 237 12.85 28.79 -8.71
CA PHE B 237 11.47 28.36 -9.05
C PHE B 237 11.51 27.44 -10.29
N ARG B 238 12.45 27.69 -11.20
CA ARG B 238 12.62 26.95 -12.48
C ARG B 238 13.64 25.80 -12.30
N ASP B 239 14.16 25.62 -11.08
CA ASP B 239 15.02 24.47 -10.69
C ASP B 239 14.14 23.34 -10.19
N PRO B 240 14.02 22.21 -10.93
CA PRO B 240 13.08 21.14 -10.57
C PRO B 240 13.45 20.41 -9.26
N SER B 241 14.63 20.70 -8.70
CA SER B 241 15.11 20.18 -7.39
C SER B 241 14.60 21.07 -6.25
N LEU B 242 14.66 22.40 -6.42
CA LEU B 242 14.35 23.40 -5.35
C LEU B 242 12.85 23.70 -5.31
N CYS B 243 12.13 23.58 -6.42
CA CYS B 243 10.71 24.03 -6.57
C CYS B 243 9.92 23.12 -7.51
N THR B 244 8.66 22.84 -7.17
CA THR B 244 7.64 22.18 -8.04
C THR B 244 6.25 22.74 -7.75
N PHE B 245 5.34 22.61 -8.72
CA PHE B 245 3.93 23.09 -8.67
C PHE B 245 2.99 21.88 -8.57
N VAL B 246 2.06 21.93 -7.61
CA VAL B 246 1.03 20.86 -7.37
C VAL B 246 -0.34 21.41 -7.79
N GLY B 247 -0.86 20.93 -8.94
CA GLY B 247 -2.20 21.27 -9.43
C GLY B 247 -3.29 20.63 -8.59
N VAL B 248 -4.36 21.37 -8.28
CA VAL B 248 -5.53 20.89 -7.50
C VAL B 248 -6.79 21.13 -8.34
N CYS B 249 -7.69 20.15 -8.40
CA CYS B 249 -8.90 20.16 -9.25
C CYS B 249 -9.98 19.27 -8.65
N ILE B 250 -11.12 19.14 -9.35
CA ILE B 250 -12.26 18.25 -9.00
C ILE B 250 -12.72 17.53 -10.27
N PRO B 251 -13.44 16.38 -10.17
CA PRO B 251 -13.96 15.68 -11.34
C PRO B 251 -15.18 16.40 -11.94
N GLU B 252 -14.94 17.52 -12.62
CA GLU B 252 -15.96 18.34 -13.31
C GLU B 252 -15.36 18.89 -14.61
N PHE B 253 -16.20 19.27 -15.57
CA PHE B 253 -15.80 19.69 -16.95
C PHE B 253 -14.96 20.96 -16.89
N LEU B 254 -15.43 21.99 -16.18
CA LEU B 254 -14.76 23.32 -16.07
C LEU B 254 -13.44 23.16 -15.31
N SER B 255 -13.45 22.41 -14.20
CA SER B 255 -12.25 22.11 -13.36
C SER B 255 -11.17 21.45 -14.22
N LEU B 256 -11.57 20.56 -15.13
CA LEU B 256 -10.67 19.83 -16.07
C LEU B 256 -10.05 20.83 -17.06
N TYR B 257 -10.87 21.72 -17.62
CA TYR B 257 -10.47 22.79 -18.58
C TYR B 257 -9.43 23.72 -17.94
N GLU B 258 -9.59 24.01 -16.65
CA GLU B 258 -8.75 24.98 -15.89
C GLU B 258 -7.32 24.42 -15.73
N THR B 259 -7.19 23.15 -15.36
CA THR B 259 -5.90 22.45 -15.14
C THR B 259 -5.12 22.37 -16.46
N GLU B 260 -5.80 22.07 -17.57
CA GLU B 260 -5.21 21.97 -18.93
C GLU B 260 -4.50 23.29 -19.27
N ARG B 261 -5.14 24.43 -18.98
CA ARG B 261 -4.57 25.78 -19.20
C ARG B 261 -3.41 26.01 -18.22
N LEU B 262 -3.58 25.60 -16.96
CA LEU B 262 -2.62 25.83 -15.84
C LEU B 262 -1.29 25.13 -16.12
N VAL B 263 -1.32 23.83 -16.47
CA VAL B 263 -0.09 23.02 -16.74
C VAL B 263 0.62 23.58 -17.98
N GLN B 264 -0.14 23.95 -19.01
CA GLN B 264 0.38 24.53 -20.28
C GLN B 264 0.97 25.92 -20.00
N ARG B 265 0.38 26.66 -19.08
CA ARG B 265 0.85 28.01 -18.64
C ARG B 265 2.17 27.85 -17.88
N LEU B 266 2.25 26.83 -17.01
CA LEU B 266 3.46 26.51 -16.19
C LEU B 266 4.60 26.04 -17.10
N ALA B 267 4.27 25.40 -18.23
CA ALA B 267 5.24 24.91 -19.24
C ALA B 267 5.96 26.10 -19.90
N VAL B 268 5.23 27.19 -20.15
CA VAL B 268 5.76 28.45 -20.76
C VAL B 268 6.69 29.13 -19.76
N LEU B 269 6.35 29.08 -18.46
CA LEU B 269 7.15 29.69 -17.35
C LEU B 269 8.29 28.76 -16.92
N ASP B 270 8.39 27.57 -17.54
CA ASP B 270 9.45 26.57 -17.29
C ASP B 270 9.37 26.06 -15.83
N MET B 271 8.15 25.84 -15.35
CA MET B 271 7.85 25.27 -14.00
C MET B 271 7.62 23.77 -14.15
N ASP B 272 8.05 22.98 -13.15
CA ASP B 272 7.87 21.50 -13.11
C ASP B 272 6.59 21.18 -12.34
N CYS B 273 5.60 20.59 -13.03
CA CYS B 273 4.33 20.07 -12.47
C CYS B 273 4.19 18.59 -12.85
N HIS B 274 4.38 17.68 -11.88
CA HIS B 274 4.31 16.21 -12.08
C HIS B 274 3.40 15.56 -11.02
N ALA B 275 2.53 16.35 -10.39
CA ALA B 275 1.63 15.91 -9.29
C ALA B 275 0.33 16.72 -9.33
N ILE B 276 -0.81 16.01 -9.41
CA ILE B 276 -2.19 16.60 -9.40
C ILE B 276 -3.00 15.93 -8.29
N VAL B 277 -3.64 16.72 -7.43
CA VAL B 277 -4.53 16.23 -6.33
C VAL B 277 -5.99 16.47 -6.75
N ILE B 278 -6.74 15.40 -7.01
CA ILE B 278 -8.19 15.44 -7.34
C ILE B 278 -8.98 15.36 -6.03
N ASN B 279 -9.74 16.41 -5.72
CA ASN B 279 -10.46 16.57 -4.43
C ASN B 279 -11.93 16.15 -4.59
N PHE B 280 -12.57 15.78 -3.47
CA PHE B 280 -14.02 15.51 -3.33
C PHE B 280 -14.45 14.35 -4.25
N VAL B 281 -13.58 13.37 -4.48
CA VAL B 281 -13.93 12.12 -5.21
C VAL B 281 -14.82 11.28 -4.28
N LEU B 282 -16.01 10.89 -4.75
CA LEU B 282 -17.02 10.16 -3.95
C LEU B 282 -16.71 8.66 -3.98
N ASP B 283 -16.51 8.05 -2.81
CA ASP B 283 -16.25 6.60 -2.63
C ASP B 283 -17.57 5.84 -2.79
N ALA B 284 -17.95 5.53 -4.03
CA ALA B 284 -19.22 4.85 -4.38
C ALA B 284 -19.10 4.17 -5.75
N ASN B 285 -19.88 3.11 -5.95
CA ASN B 285 -19.94 2.27 -7.18
C ASN B 285 -21.40 1.85 -7.41
N ALA B 286 -21.64 0.85 -8.27
CA ALA B 286 -22.99 0.33 -8.62
C ALA B 286 -23.62 -0.39 -7.43
N ALA B 287 -22.81 -0.83 -6.46
CA ALA B 287 -23.24 -1.62 -5.29
C ALA B 287 -23.91 -0.73 -4.24
N THR B 288 -23.34 0.45 -3.96
CA THR B 288 -23.78 1.40 -2.90
C THR B 288 -25.30 1.58 -2.94
N PRO B 289 -26.01 1.34 -1.82
CA PRO B 289 -27.47 1.52 -1.78
C PRO B 289 -27.88 2.98 -1.61
N CYS B 290 -27.70 3.80 -2.66
CA CYS B 290 -28.03 5.24 -2.71
C CYS B 290 -27.99 5.72 -4.17
N SER B 291 -29.12 6.20 -4.70
CA SER B 291 -29.31 6.60 -6.11
C SER B 291 -28.43 7.82 -6.44
N MET B 292 -28.53 8.89 -5.63
CA MET B 292 -27.80 10.17 -5.83
C MET B 292 -26.29 9.90 -5.82
N CYS B 293 -25.79 9.09 -4.88
CA CYS B 293 -24.35 8.77 -4.71
C CYS B 293 -23.85 7.96 -5.92
N ARG B 294 -24.61 6.94 -6.34
CA ARG B 294 -24.32 6.12 -7.56
C ARG B 294 -24.13 7.04 -8.76
N SER B 295 -25.06 7.99 -8.95
CA SER B 295 -25.12 8.94 -10.08
C SER B 295 -23.86 9.83 -10.09
N ARG B 296 -23.48 10.36 -8.93
CA ARG B 296 -22.34 11.30 -8.77
C ARG B 296 -21.02 10.56 -9.07
N ALA B 297 -20.89 9.32 -8.57
CA ALA B 297 -19.72 8.44 -8.81
C ALA B 297 -19.56 8.16 -10.30
N ARG B 298 -20.68 7.98 -11.02
CA ARG B 298 -20.73 7.66 -12.47
C ARG B 298 -20.24 8.88 -13.28
N MET B 299 -20.73 10.08 -12.93
CA MET B 299 -20.39 11.36 -13.61
C MET B 299 -18.93 11.72 -13.35
N GLN B 300 -18.46 11.54 -12.12
CA GLN B 300 -17.07 11.90 -11.68
C GLN B 300 -16.06 10.97 -12.34
N ASN B 301 -16.38 9.66 -12.44
CA ASN B 301 -15.50 8.61 -13.01
C ASN B 301 -15.01 9.03 -14.41
N LYS B 302 -15.95 9.50 -15.25
CA LYS B 302 -15.69 9.93 -16.66
C LYS B 302 -14.50 10.89 -16.71
N TYR B 303 -14.47 11.89 -15.82
CA TYR B 303 -13.45 12.97 -15.78
C TYR B 303 -12.14 12.43 -15.21
N ILE B 304 -12.21 11.59 -14.17
CA ILE B 304 -11.02 10.92 -13.55
C ILE B 304 -10.31 10.08 -14.64
N ASP B 305 -11.09 9.41 -15.50
CA ASP B 305 -10.57 8.58 -16.63
C ASP B 305 -9.87 9.48 -17.65
N GLN B 306 -10.38 10.69 -17.89
CA GLN B 306 -9.79 11.71 -18.79
C GLN B 306 -8.51 12.29 -18.15
N ILE B 307 -8.50 12.45 -16.81
CA ILE B 307 -7.34 12.96 -16.04
C ILE B 307 -6.23 11.89 -16.05
N ASN B 308 -6.61 10.61 -15.95
CA ASN B 308 -5.66 9.46 -15.96
C ASN B 308 -4.96 9.37 -17.33
N GLU B 309 -5.72 9.59 -18.42
CA GLU B 309 -5.21 9.52 -19.82
C GLU B 309 -4.17 10.62 -20.06
N LEU B 310 -4.57 11.89 -19.92
CA LEU B 310 -3.75 13.09 -20.28
C LEU B 310 -2.54 13.21 -19.35
N TYR B 311 -2.72 12.99 -18.04
CA TYR B 311 -1.68 13.16 -17.00
C TYR B 311 -1.15 11.79 -16.57
N ASP B 312 -0.77 10.96 -17.54
CA ASP B 312 -0.19 9.61 -17.33
C ASP B 312 1.15 9.73 -16.58
N ASP B 313 1.93 10.78 -16.88
CA ASP B 313 3.27 11.04 -16.28
C ASP B 313 3.12 12.02 -15.11
N PHE B 314 2.16 11.76 -14.21
CA PHE B 314 1.84 12.61 -13.03
C PHE B 314 1.50 11.72 -11.82
N ASN B 315 1.65 12.28 -10.61
CA ASN B 315 1.15 11.70 -9.34
C ASN B 315 -0.31 12.12 -9.13
N ILE B 316 -1.26 11.32 -9.63
CA ILE B 316 -2.72 11.61 -9.55
C ILE B 316 -3.25 11.10 -8.21
N VAL B 317 -3.37 12.00 -7.22
CA VAL B 317 -3.85 11.69 -5.84
C VAL B 317 -5.38 11.82 -5.80
N LEU B 318 -6.08 10.70 -5.59
CA LEU B 318 -7.56 10.66 -5.39
C LEU B 318 -7.86 10.85 -3.90
N SER B 319 -8.14 12.09 -3.48
CA SER B 319 -8.48 12.45 -2.09
C SER B 319 -9.97 12.22 -1.84
N PRO B 320 -10.36 11.32 -0.91
CA PRO B 320 -11.76 10.95 -0.73
C PRO B 320 -12.59 12.08 -0.12
N LEU B 321 -13.85 12.22 -0.56
CA LEU B 321 -14.82 13.22 -0.05
C LEU B 321 -15.14 12.90 1.42
N ARG B 322 -14.94 13.87 2.31
CA ARG B 322 -15.15 13.74 3.78
C ARG B 322 -16.56 14.23 4.15
N HIS B 323 -17.04 13.83 5.32
CA HIS B 323 -18.39 14.16 5.86
C HIS B 323 -18.43 15.60 6.37
N ASP B 324 -17.26 16.19 6.67
CA ASP B 324 -17.14 17.55 7.25
C ASP B 324 -16.25 18.43 6.36
N GLU B 325 -16.31 19.75 6.57
CA GLU B 325 -15.32 20.72 6.04
C GLU B 325 -14.05 20.61 6.90
N VAL B 326 -12.89 20.46 6.26
CA VAL B 326 -11.58 20.26 6.95
C VAL B 326 -11.21 21.58 7.64
N ARG B 327 -11.69 21.76 8.88
CA ARG B 327 -11.41 22.94 9.75
C ARG B 327 -10.84 22.44 11.09
N GLY B 328 -9.71 23.00 11.51
CA GLY B 328 -9.01 22.63 12.76
C GLY B 328 -7.64 22.03 12.48
N ILE B 329 -6.80 21.94 13.51
CA ILE B 329 -5.38 21.46 13.42
C ILE B 329 -5.39 19.94 13.22
N ALA B 330 -6.19 19.23 14.04
CA ALA B 330 -6.30 17.76 14.05
C ALA B 330 -6.86 17.25 12.72
N ASN B 331 -7.96 17.86 12.25
CA ASN B 331 -8.72 17.45 11.03
C ASN B 331 -7.83 17.64 9.79
N LEU B 332 -6.94 18.64 9.79
CA LEU B 332 -5.99 18.91 8.68
C LEU B 332 -4.99 17.76 8.58
N ARG B 333 -4.38 17.37 9.71
CA ARG B 333 -3.40 16.24 9.78
C ARG B 333 -4.11 14.93 9.40
N ASP B 334 -5.40 14.82 9.72
CA ASP B 334 -6.25 13.64 9.38
C ASP B 334 -6.40 13.57 7.85
N TYR B 335 -6.72 14.69 7.21
CA TYR B 335 -6.85 14.83 5.73
C TYR B 335 -5.49 14.58 5.07
N ALA B 336 -4.41 15.01 5.73
CA ALA B 336 -3.02 14.94 5.21
C ALA B 336 -2.58 13.48 5.04
N GLU B 337 -3.12 12.57 5.85
CA GLU B 337 -2.81 11.11 5.81
C GLU B 337 -3.13 10.56 4.42
N THR B 338 -4.30 10.91 3.87
CA THR B 338 -4.82 10.39 2.58
C THR B 338 -3.97 10.88 1.41
N LEU B 339 -3.28 12.01 1.56
CA LEU B 339 -2.39 12.60 0.52
C LEU B 339 -1.22 11.64 0.23
N ILE B 340 -0.70 10.98 1.27
CA ILE B 340 0.49 10.08 1.19
C ILE B 340 0.03 8.61 1.18
N LYS B 341 -0.88 8.24 2.08
CA LYS B 341 -1.49 6.88 2.15
C LYS B 341 -2.67 6.81 1.18
N PRO B 342 -2.54 6.16 0.01
CA PRO B 342 -3.64 6.08 -0.96
C PRO B 342 -4.86 5.39 -0.33
N TYR B 343 -5.96 6.14 -0.15
CA TYR B 343 -7.25 5.67 0.42
C TYR B 343 -7.72 4.44 -0.36
N ARG B 344 -8.00 3.34 0.34
CA ARG B 344 -8.53 2.09 -0.25
C ARG B 344 -10.01 2.31 -0.60
N PHE B 345 -10.30 2.70 -1.85
CA PHE B 345 -11.66 2.93 -2.39
C PHE B 345 -12.33 1.58 -2.68
N CYS B 346 -13.62 1.62 -3.02
CA CYS B 346 -14.44 0.42 -3.36
C CYS B 346 -13.92 -0.24 -4.65
N TRP B 347 -13.59 0.57 -5.66
CA TRP B 347 -13.14 0.10 -7.00
C TRP B 347 -11.74 -0.52 -6.93
N SER B 348 -10.96 -0.20 -5.89
CA SER B 348 -9.63 -0.82 -5.62
C SER B 348 -9.24 -0.59 -4.15
#